data_6VPY
#
_entry.id   6VPY
#
_cell.length_a   131.605
_cell.length_b   131.605
_cell.length_c   104.908
_cell.angle_alpha   90.000
_cell.angle_beta   90.000
_cell.angle_gamma   120.000
#
_symmetry.space_group_name_H-M   'P 65'
#
loop_
_entity.id
_entity.type
_entity.pdbx_description
1 polymer 'I33M light chain'
2 polymer 'I33M heavy chain'
3 non-polymer 'CHLORIDE ION'
4 non-polymer GLYCEROL
5 water water
#
loop_
_entity_poly.entity_id
_entity_poly.type
_entity_poly.pdbx_seq_one_letter_code
_entity_poly.pdbx_strand_id
1 'polypeptide(L)'
;SYELTQPPSVSVSPGQTASITCSGDKLGDKNACWYQVKPGQSPVVVIYQDSKRPSGIPERFSGSNSGNTATLTISGTQAM
DEADYYCQAWDSFSTFVFGTGTKVTVLGQPKAAPSVTLFPPSSEELQANKATLVCLISDFYPGAVTVAWKADSSPVKAGV
ETTTPSKQSNNKYAASSYLSLTPEQWKSHRSYSCQVTHEGSTVEKTVAPTECS
;
B,L
2 'polypeptide(L)'
;QVQLQESGPGLVKSSETLSLTCTVSGGSMGGYYWSWLRQSPVKGLEWIGYIFHTGHTNYNPSLESRVTVSVDTSENQFSL
RLRSVTAADTAVYYCASLPRGQLVNAFFDNWGQGTLVTVASASTKGPSVFPLAPSSKSTSGGTAALGCLVKDYFPEPVTV
SWNSGALTSGVHTFPAVLQSSGLYSLSSVVTVPSSSLGTQTYICNVNHKPSNTKVDKRVEPKSCDKHHHHHH
;
A,H
#
# COMPACT_ATOMS: atom_id res chain seq x y z
N TYR A 2 -8.74 -1.83 -1.93
CA TYR A 2 -10.13 -1.69 -2.34
C TYR A 2 -11.06 -2.40 -1.36
N GLU A 3 -12.28 -1.86 -1.22
CA GLU A 3 -13.26 -2.47 -0.32
C GLU A 3 -14.71 -2.34 -0.81
N LEU A 4 -15.58 -3.13 -0.19
CA LEU A 4 -17.01 -3.12 -0.48
C LEU A 4 -17.57 -2.04 0.44
N THR A 5 -18.59 -1.32 0.00
CA THR A 5 -19.10 -0.17 0.74
C THR A 5 -20.25 -0.53 1.66
N GLN A 6 -20.10 -0.24 2.95
CA GLN A 6 -21.18 -0.40 3.92
C GLN A 6 -21.44 0.94 4.59
N PRO A 7 -22.67 1.15 5.07
CA PRO A 7 -22.88 2.33 5.93
C PRO A 7 -22.10 2.21 7.24
N PRO A 8 -21.49 3.31 7.70
CA PRO A 8 -20.70 3.26 8.94
C PRO A 8 -21.53 2.82 10.13
N SER A 9 -22.80 3.21 10.18
CA SER A 9 -23.61 2.84 11.33
C SER A 9 -25.08 2.71 10.97
N VAL A 10 -25.75 1.81 11.68
CA VAL A 10 -27.19 1.62 11.59
C VAL A 10 -27.73 1.51 13.01
N SER A 11 -28.59 2.43 13.41
CA SER A 11 -29.11 2.35 14.77
C SER A 11 -30.61 2.10 14.75
N VAL A 12 -31.03 1.14 15.58
CA VAL A 12 -32.43 0.79 15.69
C VAL A 12 -32.83 0.75 17.15
N SER A 13 -34.09 1.06 17.40
CA SER A 13 -34.69 0.81 18.70
C SER A 13 -34.96 -0.68 18.75
N PRO A 14 -35.04 -1.26 19.95
CA PRO A 14 -35.42 -2.68 20.07
C PRO A 14 -36.69 -3.00 19.28
N GLY A 15 -36.62 -4.01 18.41
CA GLY A 15 -37.79 -4.41 17.63
C GLY A 15 -37.84 -3.87 16.20
N GLN A 16 -37.11 -2.81 15.92
CA GLN A 16 -37.11 -2.28 14.55
C GLN A 16 -36.23 -3.12 13.61
N THR A 17 -36.40 -2.92 12.31
CA THR A 17 -35.62 -3.64 11.35
C THR A 17 -34.30 -2.93 11.03
N ALA A 18 -33.20 -3.66 11.13
CA ALA A 18 -31.90 -3.14 10.74
C ALA A 18 -31.57 -3.69 9.37
N SER A 19 -31.26 -2.79 8.44
CA SER A 19 -30.85 -3.18 7.09
C SER A 19 -29.46 -2.67 6.82
N ILE A 20 -28.53 -3.60 6.63
CA ILE A 20 -27.13 -3.26 6.34
C ILE A 20 -26.83 -3.60 4.89
N THR A 21 -26.44 -2.61 4.10
CA THR A 21 -26.11 -2.87 2.70
C THR A 21 -24.61 -2.99 2.53
N CYS A 22 -24.22 -3.72 1.49
CA CYS A 22 -22.83 -3.93 1.11
C CYS A 22 -22.79 -3.75 -0.40
N SER A 23 -22.07 -2.73 -0.88
CA SER A 23 -22.09 -2.41 -2.30
C SER A 23 -20.73 -2.59 -2.95
N GLY A 24 -20.73 -3.17 -4.15
CA GLY A 24 -19.50 -3.37 -4.89
C GLY A 24 -19.81 -3.62 -6.34
N ASP A 25 -18.79 -3.48 -7.18
CA ASP A 25 -18.96 -3.71 -8.64
C ASP A 25 -19.30 -5.18 -8.87
N LYS A 26 -20.49 -5.43 -9.39
CA LYS A 26 -20.93 -6.78 -9.78
C LYS A 26 -20.88 -7.78 -8.63
N LEU A 27 -21.26 -7.30 -7.44
CA LEU A 27 -21.26 -8.09 -6.23
C LEU A 27 -22.29 -9.22 -6.30
N GLY A 28 -23.43 -8.94 -6.94
CA GLY A 28 -24.50 -9.90 -7.08
C GLY A 28 -24.12 -11.16 -7.84
N ASP A 29 -23.02 -11.10 -8.59
CA ASP A 29 -22.48 -12.26 -9.32
C ASP A 29 -21.58 -13.12 -8.43
N LYS A 30 -21.31 -12.65 -7.21
CA LYS A 30 -20.47 -13.37 -6.25
C LYS A 30 -21.33 -13.81 -5.09
N ASN A 31 -20.76 -14.63 -4.20
CA ASN A 31 -21.45 -14.96 -2.97
C ASN A 31 -20.94 -14.12 -1.82
N ALA A 32 -21.86 -13.49 -1.09
CA ALA A 32 -21.50 -12.65 0.05
C ALA A 32 -21.74 -13.40 1.37
N CYS A 33 -20.86 -13.19 2.33
CA CYS A 33 -21.09 -13.71 3.67
C CYS A 33 -20.98 -12.55 4.65
N TRP A 34 -21.63 -12.71 5.81
CA TRP A 34 -21.70 -11.67 6.82
C TRP A 34 -21.18 -12.14 8.18
N TYR A 35 -20.28 -11.35 8.75
CA TYR A 35 -19.72 -11.67 10.05
C TYR A 35 -20.23 -10.73 11.12
N GLN A 36 -20.64 -11.31 12.25
CA GLN A 36 -21.02 -10.54 13.42
C GLN A 36 -19.83 -10.46 14.39
N VAL A 37 -19.33 -9.25 14.64
CA VAL A 37 -18.15 -9.10 15.47
C VAL A 37 -18.46 -8.32 16.75
N LYS A 38 -18.36 -9.02 17.89
CA LYS A 38 -18.51 -8.39 19.19
C LYS A 38 -17.18 -8.37 19.91
N PRO A 39 -16.85 -7.23 20.55
CA PRO A 39 -15.64 -7.10 21.36
C PRO A 39 -15.54 -8.17 22.44
N GLY A 40 -14.37 -8.80 22.55
CA GLY A 40 -14.14 -9.82 23.55
C GLY A 40 -14.70 -11.19 23.16
N GLN A 41 -15.14 -11.33 21.92
CA GLN A 41 -15.77 -12.60 21.53
C GLN A 41 -15.36 -13.09 20.14
N SER A 42 -15.46 -14.39 19.92
CA SER A 42 -15.27 -14.95 18.59
C SER A 42 -16.31 -14.40 17.62
N PRO A 43 -15.85 -13.80 16.51
CA PRO A 43 -16.78 -13.47 15.43
C PRO A 43 -17.56 -14.70 14.98
N VAL A 44 -18.79 -14.50 14.52
CA VAL A 44 -19.57 -15.61 14.00
C VAL A 44 -20.13 -15.25 12.64
N VAL A 45 -20.26 -16.27 11.80
CA VAL A 45 -20.96 -16.16 10.54
C VAL A 45 -22.45 -16.16 10.83
N VAL A 46 -23.15 -15.08 10.46
CA VAL A 46 -24.61 -15.08 10.61
C VAL A 46 -25.29 -15.42 9.27
N ILE A 47 -24.58 -15.16 8.16
CA ILE A 47 -25.06 -15.53 6.82
C ILE A 47 -23.92 -15.81 5.85
N TYR A 48 -24.05 -16.92 5.11
CA TYR A 48 -23.10 -17.24 4.06
C TYR A 48 -23.88 -17.59 2.77
N GLN A 49 -23.20 -17.59 1.63
CA GLN A 49 -23.85 -17.83 0.34
C GLN A 49 -25.10 -16.96 0.18
N ASP A 50 -24.93 -15.65 0.35
CA ASP A 50 -26.02 -14.68 0.18
C ASP A 50 -27.08 -14.73 1.26
N SER A 51 -27.61 -15.93 1.52
CA SER A 51 -28.86 -16.06 2.24
C SER A 51 -28.94 -17.29 3.13
N LYS A 52 -27.86 -18.05 3.22
CA LYS A 52 -27.86 -19.25 4.06
C LYS A 52 -27.53 -18.90 5.49
N ARG A 53 -28.33 -19.44 6.41
CA ARG A 53 -28.19 -19.17 7.83
C ARG A 53 -27.61 -20.40 8.53
N PRO A 54 -26.41 -20.26 9.12
CA PRO A 54 -25.77 -21.40 9.80
C PRO A 54 -26.61 -21.90 10.95
N SER A 55 -26.45 -23.17 11.32
CA SER A 55 -27.13 -23.71 12.48
C SER A 55 -26.64 -22.98 13.72
N GLY A 56 -27.56 -22.46 14.52
CA GLY A 56 -27.20 -21.68 15.70
C GLY A 56 -27.59 -20.22 15.60
N ILE A 57 -27.78 -19.74 14.37
CA ILE A 57 -28.09 -18.34 14.11
C ILE A 57 -29.61 -18.13 14.09
N PRO A 58 -30.11 -17.18 14.88
CA PRO A 58 -31.55 -16.86 14.98
C PRO A 58 -32.19 -16.57 13.63
N GLU A 59 -33.48 -16.89 13.52
CA GLU A 59 -34.22 -16.80 12.27
C GLU A 59 -34.42 -15.35 11.81
N ARG A 60 -34.24 -14.41 12.73
CA ARG A 60 -34.41 -13.00 12.42
C ARG A 60 -33.33 -12.49 11.45
N PHE A 61 -32.20 -13.19 11.34
CA PHE A 61 -31.15 -12.81 10.39
C PHE A 61 -31.44 -13.37 8.99
N SER A 62 -31.63 -12.51 8.00
CA SER A 62 -31.75 -12.98 6.61
C SER A 62 -30.85 -12.18 5.68
N GLY A 63 -30.52 -12.77 4.54
CA GLY A 63 -29.59 -12.15 3.63
C GLY A 63 -30.08 -12.17 2.20
N SER A 64 -29.68 -11.16 1.45
CA SER A 64 -30.06 -11.03 0.06
C SER A 64 -28.90 -10.46 -0.74
N ASN A 65 -28.80 -10.81 -2.03
CA ASN A 65 -27.72 -10.30 -2.88
C ASN A 65 -28.10 -10.29 -4.36
N SER A 66 -28.05 -9.11 -4.98
CA SER A 66 -28.30 -8.95 -6.41
C SER A 66 -27.80 -7.59 -6.90
N GLY A 67 -27.53 -7.49 -8.19
CA GLY A 67 -27.02 -6.26 -8.78
C GLY A 67 -25.65 -5.94 -8.22
N ASN A 68 -25.55 -4.80 -7.54
CA ASN A 68 -24.28 -4.39 -6.94
C ASN A 68 -24.34 -4.36 -5.41
N THR A 69 -25.39 -4.96 -4.87
CA THR A 69 -25.70 -4.83 -3.45
C THR A 69 -26.11 -6.12 -2.77
N ALA A 70 -25.38 -6.45 -1.71
CA ALA A 70 -25.79 -7.49 -0.77
C ALA A 70 -26.37 -6.81 0.47
N THR A 71 -27.46 -7.35 0.98
CA THR A 71 -28.14 -6.75 2.13
C THR A 71 -28.34 -7.76 3.25
N LEU A 72 -27.90 -7.37 4.44
CA LEU A 72 -28.21 -8.12 5.66
C LEU A 72 -29.41 -7.48 6.39
N THR A 73 -30.45 -8.28 6.63
CA THR A 73 -31.66 -7.81 7.31
C THR A 73 -31.76 -8.53 8.66
N ILE A 74 -32.09 -7.81 9.73
CA ILE A 74 -32.20 -8.50 11.02
C ILE A 74 -33.64 -8.65 11.59
N SER A 75 -34.58 -7.81 11.22
CA SER A 75 -36.00 -7.89 11.67
C SER A 75 -36.21 -8.10 13.18
N GLY A 76 -36.95 -7.19 13.81
CA GLY A 76 -37.14 -7.23 15.24
C GLY A 76 -35.79 -7.32 15.94
N THR A 77 -34.93 -6.33 15.69
CA THR A 77 -33.56 -6.38 16.19
C THR A 77 -33.56 -6.45 17.72
N GLN A 78 -32.79 -7.38 18.25
CA GLN A 78 -32.67 -7.56 19.69
C GLN A 78 -31.36 -6.97 20.23
N ALA A 79 -31.33 -6.65 21.52
CA ALA A 79 -30.15 -6.01 22.14
C ALA A 79 -28.90 -6.83 21.93
N MET A 80 -29.05 -8.15 22.00
CA MET A 80 -27.92 -9.06 21.83
C MET A 80 -27.42 -9.09 20.38
N ASP A 81 -28.11 -8.41 19.47
CA ASP A 81 -27.67 -8.35 18.08
C ASP A 81 -26.72 -7.15 17.86
N GLU A 82 -26.55 -6.32 18.89
CA GLU A 82 -25.64 -5.18 18.79
C GLU A 82 -24.18 -5.62 18.60
N ALA A 83 -23.59 -5.15 17.49
CA ALA A 83 -22.29 -5.57 17.03
C ALA A 83 -21.85 -4.80 15.78
N ASP A 84 -20.63 -5.07 15.33
CA ASP A 84 -20.12 -4.59 14.04
C ASP A 84 -20.29 -5.72 13.01
N TYR A 85 -20.87 -5.41 11.85
CA TYR A 85 -21.09 -6.43 10.85
C TYR A 85 -20.25 -6.18 9.64
N TYR A 86 -19.60 -7.23 9.15
CA TYR A 86 -18.76 -7.10 7.97
C TYR A 86 -19.23 -8.01 6.86
N CYS A 87 -19.38 -7.40 5.70
CA CYS A 87 -19.68 -8.06 4.45
C CYS A 87 -18.38 -8.67 3.93
N GLN A 88 -18.46 -9.77 3.19
CA GLN A 88 -17.27 -10.36 2.58
C GLN A 88 -17.58 -11.14 1.31
N ALA A 89 -16.71 -10.98 0.31
CA ALA A 89 -16.84 -11.73 -0.94
C ALA A 89 -15.47 -12.10 -1.48
N TRP A 90 -15.44 -12.82 -2.59
CA TRP A 90 -14.18 -13.19 -3.23
C TRP A 90 -13.66 -12.07 -4.15
N ASP A 91 -12.34 -11.93 -4.25
CA ASP A 91 -11.76 -10.97 -5.19
C ASP A 91 -10.64 -11.61 -6.01
N SER A 92 -10.58 -11.28 -7.30
CA SER A 92 -9.62 -11.88 -8.21
C SER A 92 -8.17 -11.53 -7.86
N PHE A 93 -7.92 -10.34 -7.34
CA PHE A 93 -6.55 -9.95 -6.98
C PHE A 93 -6.18 -10.26 -5.52
N SER A 94 -6.97 -9.79 -4.56
CA SER A 94 -6.61 -9.96 -3.16
C SER A 94 -7.29 -11.15 -2.47
N THR A 95 -7.79 -12.10 -3.26
CA THR A 95 -8.44 -13.32 -2.77
C THR A 95 -9.73 -13.04 -1.99
N PHE A 96 -9.65 -12.26 -0.91
CA PHE A 96 -10.83 -11.86 -0.15
C PHE A 96 -10.98 -10.35 -0.13
N VAL A 97 -12.22 -9.88 -0.21
CA VAL A 97 -12.49 -8.45 -0.08
C VAL A 97 -13.58 -8.26 0.98
N PHE A 98 -13.31 -7.38 1.93
CA PHE A 98 -14.22 -7.16 3.05
C PHE A 98 -14.93 -5.82 2.95
N GLY A 99 -16.14 -5.74 3.51
CA GLY A 99 -16.84 -4.48 3.61
C GLY A 99 -16.16 -3.58 4.63
N THR A 100 -16.49 -2.29 4.58
CA THR A 100 -15.87 -1.32 5.47
C THR A 100 -16.41 -1.41 6.90
N GLY A 101 -17.48 -2.17 7.10
CA GLY A 101 -18.03 -2.39 8.44
C GLY A 101 -19.18 -1.48 8.80
N THR A 102 -20.15 -2.04 9.54
CA THR A 102 -21.30 -1.28 10.00
C THR A 102 -21.51 -1.51 11.48
N LYS A 103 -21.44 -0.45 12.27
CA LYS A 103 -21.76 -0.57 13.68
C LYS A 103 -23.27 -0.55 13.86
N VAL A 104 -23.82 -1.66 14.33
CA VAL A 104 -25.25 -1.71 14.61
C VAL A 104 -25.48 -1.49 16.09
N THR A 105 -26.15 -0.37 16.39
CA THR A 105 -26.48 0.00 17.77
C THR A 105 -27.95 -0.26 18.00
N VAL A 106 -28.25 -1.00 19.07
CA VAL A 106 -29.63 -1.13 19.53
C VAL A 106 -29.81 -0.12 20.65
N LEU A 107 -30.59 0.92 20.36
CA LEU A 107 -30.74 2.09 21.24
C LEU A 107 -31.15 1.69 22.66
N GLY A 108 -30.36 2.14 23.64
CA GLY A 108 -30.64 1.88 25.04
C GLY A 108 -30.97 3.18 25.74
N GLN A 109 -30.97 4.27 24.96
CA GLN A 109 -31.33 5.58 25.47
C GLN A 109 -31.73 6.46 24.27
N PRO A 110 -32.36 7.62 24.53
CA PRO A 110 -32.69 8.46 23.37
C PRO A 110 -31.45 9.02 22.69
N LYS A 111 -31.57 9.35 21.41
CA LYS A 111 -30.45 9.88 20.63
C LYS A 111 -30.05 11.25 21.14
N ALA A 112 -28.77 11.58 20.99
CA ALA A 112 -28.27 12.90 21.36
C ALA A 112 -27.27 13.35 20.30
N ALA A 113 -27.44 14.59 19.83
CA ALA A 113 -26.57 15.12 18.79
C ALA A 113 -25.25 15.61 19.40
N PRO A 114 -24.15 15.48 18.65
CA PRO A 114 -22.83 15.86 19.17
C PRO A 114 -22.64 17.36 19.34
N SER A 115 -21.87 17.74 20.35
CA SER A 115 -21.39 19.11 20.45
C SER A 115 -19.99 19.12 19.83
N VAL A 116 -19.75 20.01 18.88
CA VAL A 116 -18.48 20.05 18.19
C VAL A 116 -17.77 21.39 18.40
N THR A 117 -16.48 21.32 18.72
CA THR A 117 -15.66 22.51 18.86
C THR A 117 -14.36 22.32 18.08
N LEU A 118 -14.00 23.31 17.25
CA LEU A 118 -12.81 23.21 16.42
C LEU A 118 -11.81 24.29 16.77
N PHE A 119 -10.57 23.89 17.04
CA PHE A 119 -9.50 24.82 17.38
C PHE A 119 -8.48 24.88 16.27
N PRO A 120 -8.04 26.09 15.92
CA PRO A 120 -6.93 26.33 14.99
C PRO A 120 -5.59 26.02 15.67
N PRO A 121 -4.48 26.05 14.90
CA PRO A 121 -3.18 25.89 15.55
C PRO A 121 -2.86 27.08 16.46
N SER A 122 -2.17 26.85 17.57
CA SER A 122 -1.70 27.94 18.41
C SER A 122 -0.51 28.67 17.76
N SER A 123 -0.27 29.91 18.17
CA SER A 123 0.91 30.65 17.72
C SER A 123 2.19 29.93 18.12
N GLU A 124 2.23 29.47 19.36
CA GLU A 124 3.36 28.74 19.90
C GLU A 124 3.69 27.49 19.07
N GLU A 125 2.67 26.73 18.67
CA GLU A 125 2.93 25.53 17.87
C GLU A 125 3.49 25.92 16.50
N LEU A 126 2.92 26.96 15.92
CA LEU A 126 3.36 27.43 14.62
C LEU A 126 4.83 27.89 14.66
N GLN A 127 5.24 28.53 15.76
CA GLN A 127 6.63 28.96 15.95
C GLN A 127 7.58 27.79 16.14
N ALA A 128 7.03 26.65 16.55
CA ALA A 128 7.79 25.42 16.69
C ALA A 128 7.66 24.64 15.38
N ASN A 129 7.50 25.41 14.31
CA ASN A 129 7.13 24.92 12.98
C ASN A 129 5.75 24.28 13.02
N LYS A 130 5.64 22.97 13.27
CA LYS A 130 4.37 22.21 13.27
C LYS A 130 2.99 22.91 13.49
N ALA A 131 1.92 22.23 13.07
CA ALA A 131 0.57 22.78 13.15
C ALA A 131 -0.48 21.68 13.27
N THR A 132 -1.37 21.82 14.24
CA THR A 132 -2.40 20.81 14.53
C THR A 132 -3.75 21.48 14.68
N LEU A 133 -4.76 21.01 13.94
CA LEU A 133 -6.15 21.45 14.15
C LEU A 133 -6.84 20.44 15.04
N VAL A 134 -7.67 20.90 15.95
CA VAL A 134 -8.25 20.02 16.94
C VAL A 134 -9.78 20.08 16.90
N CYS A 135 -10.40 18.94 16.64
CA CYS A 135 -11.85 18.88 16.53
C CYS A 135 -12.42 17.99 17.63
N LEU A 136 -13.15 18.57 18.58
CA LEU A 136 -13.62 17.80 19.73
C LEU A 136 -15.11 17.49 19.64
N ILE A 137 -15.46 16.22 19.83
CA ILE A 137 -16.83 15.77 19.60
C ILE A 137 -17.35 15.12 20.87
N SER A 138 -18.41 15.68 21.45
CA SER A 138 -18.86 15.18 22.75
C SER A 138 -20.37 15.10 22.93
N ASP A 139 -20.80 14.27 23.89
CA ASP A 139 -22.18 14.10 24.27
C ASP A 139 -23.07 13.60 23.14
N PHE A 140 -22.59 12.66 22.34
CA PHE A 140 -23.43 12.12 21.27
C PHE A 140 -23.84 10.67 21.55
N TYR A 141 -25.01 10.29 21.04
CA TYR A 141 -25.51 8.92 21.12
C TYR A 141 -26.41 8.64 19.93
N PRO A 142 -26.22 7.50 19.25
CA PRO A 142 -25.30 6.39 19.51
C PRO A 142 -23.82 6.73 19.31
N GLY A 143 -22.94 5.86 19.82
CA GLY A 143 -21.51 6.08 19.76
C GLY A 143 -20.92 5.80 18.40
N ALA A 144 -21.39 6.52 17.39
CA ALA A 144 -20.93 6.30 16.03
C ALA A 144 -20.92 7.60 15.28
N VAL A 145 -19.76 7.97 14.76
CA VAL A 145 -19.64 9.24 14.07
C VAL A 145 -18.65 9.17 12.90
N THR A 146 -18.83 9.99 11.88
CA THR A 146 -17.81 10.08 10.83
C THR A 146 -17.29 11.51 10.75
N VAL A 147 -15.97 11.64 10.65
CA VAL A 147 -15.33 12.96 10.62
C VAL A 147 -14.58 13.18 9.30
N ALA A 148 -14.97 14.21 8.57
CA ALA A 148 -14.30 14.56 7.33
C ALA A 148 -13.69 15.94 7.44
N TRP A 149 -12.44 16.08 7.03
CA TRP A 149 -11.75 17.35 7.05
C TRP A 149 -11.75 17.99 5.66
N LYS A 150 -11.93 19.30 5.61
CA LYS A 150 -11.89 20.01 4.34
C LYS A 150 -10.89 21.15 4.38
N ALA A 151 -10.01 21.17 3.38
CA ALA A 151 -9.11 22.29 3.13
C ALA A 151 -9.76 23.20 2.10
N ASP A 152 -10.18 24.37 2.55
CA ASP A 152 -11.08 25.23 1.79
C ASP A 152 -12.35 24.46 1.49
N SER A 153 -12.39 23.79 0.34
CA SER A 153 -13.56 23.01 -0.05
C SER A 153 -13.13 21.66 -0.61
N SER A 154 -11.83 21.42 -0.64
CA SER A 154 -11.26 20.16 -1.14
C SER A 154 -11.02 19.19 0.01
N PRO A 155 -11.46 17.94 -0.15
CA PRO A 155 -11.27 16.93 0.90
C PRO A 155 -9.80 16.73 1.25
N VAL A 156 -9.52 16.56 2.54
CA VAL A 156 -8.16 16.37 3.04
C VAL A 156 -7.93 14.89 3.22
N LYS A 157 -6.83 14.40 2.68
CA LYS A 157 -6.60 12.97 2.64
C LYS A 157 -5.38 12.53 3.42
N ALA A 158 -4.60 13.49 3.90
CA ALA A 158 -3.40 13.20 4.68
C ALA A 158 -3.42 13.84 6.07
N GLY A 159 -2.86 13.15 7.07
CA GLY A 159 -2.69 13.76 8.38
C GLY A 159 -3.90 13.87 9.29
N VAL A 160 -4.88 13.00 9.08
CA VAL A 160 -6.04 12.96 9.97
C VAL A 160 -5.95 11.77 10.91
N GLU A 161 -5.95 12.04 12.21
CA GLU A 161 -6.02 10.99 13.22
C GLU A 161 -7.30 11.18 14.02
N THR A 162 -8.11 10.13 14.08
CA THR A 162 -9.42 10.18 14.73
C THR A 162 -9.56 9.04 15.74
N THR A 163 -10.04 9.36 16.95
CA THR A 163 -10.23 8.33 17.98
C THR A 163 -11.52 7.55 17.79
N THR A 164 -11.53 6.35 18.35
CA THR A 164 -12.75 5.58 18.50
C THR A 164 -13.60 6.24 19.58
N PRO A 165 -14.89 6.44 19.29
CA PRO A 165 -15.78 7.04 20.30
C PRO A 165 -15.73 6.30 21.64
N SER A 166 -15.69 7.05 22.74
CA SER A 166 -15.54 6.46 24.05
C SER A 166 -16.67 6.93 24.95
N LYS A 167 -17.15 6.03 25.81
CA LYS A 167 -18.32 6.30 26.64
C LYS A 167 -17.95 7.23 27.77
N GLN A 168 -18.68 8.33 27.89
CA GLN A 168 -18.52 9.28 28.98
C GLN A 168 -19.23 8.74 30.20
N SER A 169 -19.04 9.38 31.34
CA SER A 169 -19.67 8.95 32.58
C SER A 169 -21.20 9.09 32.56
N ASN A 170 -21.72 9.92 31.67
CA ASN A 170 -23.16 10.11 31.55
C ASN A 170 -23.82 9.19 30.54
N ASN A 171 -23.08 8.14 30.15
CA ASN A 171 -23.51 7.13 29.18
C ASN A 171 -23.62 7.60 27.72
N LYS A 172 -23.21 8.83 27.45
CA LYS A 172 -23.08 9.29 26.07
C LYS A 172 -21.62 9.16 25.64
N TYR A 173 -21.31 9.56 24.41
CA TYR A 173 -19.99 9.30 23.86
C TYR A 173 -19.20 10.54 23.50
N ALA A 174 -17.89 10.36 23.42
CA ALA A 174 -16.98 11.42 23.04
C ALA A 174 -15.92 10.90 22.07
N ALA A 175 -15.46 11.77 21.17
CA ALA A 175 -14.37 11.41 20.28
C ALA A 175 -13.64 12.68 19.92
N SER A 176 -12.48 12.53 19.29
CA SER A 176 -11.74 13.71 18.85
C SER A 176 -10.96 13.39 17.58
N SER A 177 -10.74 14.41 16.76
CA SER A 177 -10.04 14.24 15.48
C SER A 177 -8.95 15.30 15.29
N TYR A 178 -7.78 14.87 14.83
CA TYR A 178 -6.65 15.77 14.67
C TYR A 178 -6.16 15.86 13.24
N LEU A 179 -6.01 17.09 12.75
CA LEU A 179 -5.44 17.29 11.42
C LEU A 179 -4.06 17.91 11.58
N SER A 180 -3.03 17.17 11.18
CA SER A 180 -1.65 17.67 11.21
C SER A 180 -1.30 18.30 9.88
N LEU A 181 -0.78 19.53 9.95
CA LEU A 181 -0.43 20.32 8.78
C LEU A 181 0.98 20.88 8.91
N THR A 182 1.53 21.35 7.80
CA THR A 182 2.70 22.21 7.85
C THR A 182 2.15 23.61 8.04
N PRO A 183 2.95 24.51 8.63
CA PRO A 183 2.54 25.91 8.81
C PRO A 183 2.13 26.62 7.51
N GLU A 184 2.81 26.32 6.42
CA GLU A 184 2.48 26.95 5.14
C GLU A 184 1.13 26.46 4.63
N GLN A 185 0.86 25.16 4.76
CA GLN A 185 -0.45 24.61 4.42
C GLN A 185 -1.56 25.36 5.15
N TRP A 186 -1.35 25.61 6.45
CA TRP A 186 -2.33 26.33 7.25
C TRP A 186 -2.50 27.76 6.76
N LYS A 187 -1.39 28.40 6.38
CA LYS A 187 -1.41 29.79 5.97
C LYS A 187 -1.74 30.00 4.49
N SER A 188 -1.74 28.90 3.72
CA SER A 188 -2.01 28.97 2.29
C SER A 188 -3.50 29.05 1.93
N HIS A 189 -4.36 28.45 2.76
CA HIS A 189 -5.79 28.39 2.46
C HIS A 189 -6.57 29.45 3.23
N ARG A 190 -7.81 29.72 2.79
CA ARG A 190 -8.65 30.70 3.47
C ARG A 190 -9.24 30.13 4.77
N SER A 191 -9.53 28.84 4.77
CA SER A 191 -10.10 28.20 5.95
C SER A 191 -9.96 26.69 5.92
N TYR A 192 -10.09 26.09 7.10
CA TYR A 192 -10.22 24.64 7.22
C TYR A 192 -11.54 24.33 7.92
N SER A 193 -12.10 23.16 7.66
CA SER A 193 -13.37 22.78 8.25
C SER A 193 -13.34 21.34 8.76
N CYS A 194 -14.02 21.13 9.88
CA CYS A 194 -14.23 19.81 10.46
C CYS A 194 -15.67 19.41 10.21
N GLN A 195 -15.89 18.34 9.44
CA GLN A 195 -17.26 17.89 9.18
C GLN A 195 -17.54 16.61 9.95
N VAL A 196 -18.52 16.69 10.83
CA VAL A 196 -18.87 15.61 11.72
C VAL A 196 -20.27 15.15 11.37
N THR A 197 -20.38 13.90 10.92
CA THR A 197 -21.68 13.36 10.56
C THR A 197 -22.09 12.33 11.61
N HIS A 198 -23.24 12.55 12.21
CA HIS A 198 -23.76 11.66 13.24
C HIS A 198 -25.16 11.23 12.85
N GLU A 199 -25.35 9.92 12.75
CA GLU A 199 -26.55 9.34 12.15
C GLU A 199 -26.70 9.85 10.71
N GLY A 200 -27.64 10.76 10.49
CA GLY A 200 -27.80 11.31 9.16
C GLY A 200 -27.34 12.76 9.04
N SER A 201 -27.30 13.47 10.16
CA SER A 201 -27.04 14.90 10.15
C SER A 201 -25.55 15.23 10.14
N THR A 202 -25.19 16.32 9.48
CA THR A 202 -23.81 16.77 9.46
C THR A 202 -23.67 18.19 9.97
N VAL A 203 -22.87 18.39 11.03
CA VAL A 203 -22.55 19.74 11.49
C VAL A 203 -21.12 20.07 11.07
N GLU A 204 -20.90 21.33 10.68
CA GLU A 204 -19.60 21.75 10.19
C GLU A 204 -19.04 22.88 11.03
N LYS A 205 -17.77 22.80 11.39
CA LYS A 205 -17.10 23.89 12.09
C LYS A 205 -15.90 24.35 11.27
N THR A 206 -15.65 25.66 11.28
CA THR A 206 -14.64 26.23 10.39
C THR A 206 -13.75 27.24 11.12
N VAL A 207 -12.46 27.19 10.85
CA VAL A 207 -11.51 28.17 11.38
C VAL A 207 -10.62 28.71 10.25
N ALA A 208 -10.08 29.90 10.45
CA ALA A 208 -9.24 30.52 9.42
C ALA A 208 -8.02 31.20 10.06
N PRO A 209 -6.93 31.32 9.30
CA PRO A 209 -5.69 32.01 9.74
C PRO A 209 -5.94 33.44 10.24
N GLN B 1 -16.45 -30.43 17.86
CA GLN B 1 -16.33 -29.02 17.54
C GLN B 1 -14.88 -28.54 17.60
N VAL B 2 -14.50 -27.66 16.68
CA VAL B 2 -13.12 -27.15 16.62
C VAL B 2 -13.03 -25.71 17.09
N GLN B 3 -12.20 -25.50 18.11
CA GLN B 3 -12.07 -24.21 18.75
C GLN B 3 -10.67 -23.62 18.61
N LEU B 4 -10.60 -22.30 18.47
CA LEU B 4 -9.34 -21.60 18.25
C LEU B 4 -9.13 -20.57 19.33
N GLN B 5 -7.87 -20.35 19.70
CA GLN B 5 -7.54 -19.34 20.69
C GLN B 5 -6.17 -18.81 20.40
N GLU B 6 -6.07 -17.51 20.17
CA GLU B 6 -4.78 -16.89 19.89
C GLU B 6 -4.06 -16.50 21.18
N SER B 7 -2.73 -16.48 21.11
CA SER B 7 -1.87 -15.96 22.18
C SER B 7 -0.99 -14.86 21.61
N GLY B 8 -0.83 -13.79 22.37
CA GLY B 8 -0.04 -12.65 21.92
C GLY B 8 0.61 -11.95 23.08
N PRO B 9 1.51 -10.99 22.77
CA PRO B 9 2.33 -10.22 23.71
C PRO B 9 1.65 -8.96 24.26
N GLY B 10 0.48 -8.60 23.73
CA GLY B 10 -0.22 -7.41 24.17
C GLY B 10 0.38 -6.12 23.61
N LEU B 11 1.48 -5.67 24.20
CA LEU B 11 2.14 -4.43 23.78
C LEU B 11 3.49 -4.75 23.15
N VAL B 12 3.79 -4.13 22.01
CA VAL B 12 5.09 -4.30 21.35
C VAL B 12 5.61 -2.92 20.93
N LYS B 13 6.91 -2.83 20.68
CA LYS B 13 7.51 -1.58 20.26
C LYS B 13 7.71 -1.51 18.74
N SER B 14 7.59 -0.32 18.16
CA SER B 14 7.77 -0.12 16.72
C SER B 14 9.11 -0.70 16.25
N SER B 15 9.11 -1.20 15.01
CA SER B 15 10.27 -1.85 14.35
C SER B 15 10.49 -3.29 14.78
N GLU B 16 9.85 -3.72 15.85
CA GLU B 16 9.98 -5.11 16.32
C GLU B 16 9.14 -6.05 15.46
N THR B 17 9.26 -7.34 15.74
CA THR B 17 8.50 -8.36 15.04
C THR B 17 7.43 -8.89 15.97
N LEU B 18 6.18 -8.90 15.49
CA LEU B 18 5.05 -9.44 16.22
C LEU B 18 4.93 -10.94 16.00
N SER B 19 4.80 -11.69 17.09
CA SER B 19 4.66 -13.13 16.99
C SER B 19 3.40 -13.60 17.71
N LEU B 20 2.52 -14.26 16.99
CA LEU B 20 1.27 -14.78 17.55
C LEU B 20 1.19 -16.27 17.29
N THR B 21 0.42 -16.98 18.10
CA THR B 21 0.20 -18.40 17.87
C THR B 21 -1.26 -18.73 18.15
N CYS B 22 -1.82 -19.64 17.36
CA CYS B 22 -3.17 -20.12 17.60
C CYS B 22 -3.10 -21.57 18.05
N THR B 23 -3.86 -21.91 19.10
CA THR B 23 -3.94 -23.30 19.52
C THR B 23 -5.30 -23.87 19.13
N VAL B 24 -5.27 -24.92 18.30
CA VAL B 24 -6.50 -25.55 17.80
C VAL B 24 -7.00 -26.67 18.72
N SER B 25 -8.22 -26.52 19.22
CA SER B 25 -8.82 -27.52 20.12
C SER B 25 -9.89 -28.33 19.39
N GLY B 26 -10.01 -29.61 19.74
CA GLY B 26 -10.95 -30.50 19.07
C GLY B 26 -10.25 -31.31 18.00
N GLY B 27 -10.65 -31.12 16.74
CA GLY B 27 -10.13 -31.91 15.63
C GLY B 27 -8.65 -31.68 15.36
N SER B 28 -8.15 -32.26 14.28
CA SER B 28 -6.74 -32.12 13.92
C SER B 28 -6.55 -31.03 12.86
N MET B 29 -5.32 -30.89 12.38
CA MET B 29 -4.96 -29.77 11.52
C MET B 29 -5.30 -30.01 10.05
N GLY B 30 -6.19 -30.96 9.77
CA GLY B 30 -6.51 -31.30 8.39
C GLY B 30 -7.85 -30.77 7.91
N GLY B 31 -7.99 -30.63 6.59
CA GLY B 31 -9.25 -30.24 6.02
C GLY B 31 -9.48 -28.74 6.05
N TYR B 32 -8.54 -28.04 6.66
CA TYR B 32 -8.68 -26.59 6.84
C TYR B 32 -7.45 -25.84 6.39
N TYR B 33 -7.68 -24.61 5.93
CA TYR B 33 -6.62 -23.63 5.86
C TYR B 33 -6.69 -22.83 7.16
N TRP B 34 -5.54 -22.67 7.81
CA TRP B 34 -5.49 -21.99 9.08
C TRP B 34 -5.06 -20.56 8.87
N SER B 35 -5.93 -19.61 9.22
CA SER B 35 -5.78 -18.22 8.76
C SER B 35 -5.58 -17.19 9.88
N TRP B 36 -4.92 -16.09 9.50
CA TRP B 36 -4.81 -14.91 10.35
C TRP B 36 -5.51 -13.74 9.68
N LEU B 37 -6.20 -12.96 10.51
CA LEU B 37 -6.82 -11.71 10.09
C LEU B 37 -6.67 -10.71 11.23
N ARG B 38 -6.90 -9.42 10.93
CA ARG B 38 -6.87 -8.39 11.94
C ARG B 38 -7.97 -7.36 11.71
N GLN B 39 -8.34 -6.65 12.77
CA GLN B 39 -9.40 -5.66 12.74
C GLN B 39 -8.98 -4.39 13.46
N SER B 40 -9.13 -3.26 12.78
CA SER B 40 -8.86 -1.98 13.40
C SER B 40 -9.73 -0.91 12.73
N PRO B 41 -9.91 0.24 13.40
CA PRO B 41 -10.69 1.34 12.80
C PRO B 41 -10.11 1.79 11.46
N VAL B 42 -8.79 1.74 11.34
CA VAL B 42 -8.11 2.21 10.13
C VAL B 42 -8.03 1.15 9.03
N LYS B 43 -7.84 -0.12 9.42
CA LYS B 43 -7.65 -1.19 8.44
C LYS B 43 -8.97 -1.90 8.10
N GLY B 44 -10.02 -1.61 8.86
CA GLY B 44 -11.26 -2.36 8.73
C GLY B 44 -11.00 -3.80 9.11
N LEU B 45 -11.69 -4.73 8.47
CA LEU B 45 -11.38 -6.15 8.65
C LEU B 45 -10.51 -6.60 7.48
N GLU B 46 -9.32 -7.12 7.76
CA GLU B 46 -8.46 -7.51 6.66
C GLU B 46 -7.78 -8.85 6.93
N TRP B 47 -7.76 -9.66 5.88
CA TRP B 47 -7.12 -10.96 5.87
C TRP B 47 -5.61 -10.80 5.74
N ILE B 48 -4.85 -11.62 6.47
CA ILE B 48 -3.39 -11.51 6.50
C ILE B 48 -2.75 -12.64 5.70
N GLY B 49 -3.09 -13.88 6.03
CA GLY B 49 -2.56 -15.03 5.34
C GLY B 49 -3.15 -16.31 5.90
N TYR B 50 -3.00 -17.42 5.17
CA TYR B 50 -3.40 -18.72 5.66
C TYR B 50 -2.36 -19.77 5.24
N ILE B 51 -2.43 -20.93 5.87
CA ILE B 51 -1.50 -22.01 5.62
C ILE B 51 -2.21 -23.37 5.68
N PHE B 52 -1.74 -24.29 4.84
CA PHE B 52 -2.21 -25.67 4.86
C PHE B 52 -1.23 -26.48 5.70
N HIS B 53 -1.67 -27.64 6.22
CA HIS B 53 -0.78 -28.44 7.06
C HIS B 53 0.46 -28.96 6.30
N THR B 54 0.40 -28.93 4.98
CA THR B 54 1.53 -29.32 4.15
C THR B 54 2.55 -28.21 4.07
N GLY B 55 2.17 -27.02 4.55
CA GLY B 55 3.08 -25.89 4.57
C GLY B 55 2.77 -24.92 3.46
N HIS B 56 1.88 -25.28 2.55
CA HIS B 56 1.54 -24.38 1.44
C HIS B 56 0.92 -23.09 2.03
N THR B 57 1.41 -21.94 1.59
CA THR B 57 0.92 -20.66 2.10
C THR B 57 0.40 -19.74 1.00
N ASN B 58 -0.48 -18.83 1.41
CA ASN B 58 -0.96 -17.73 0.58
C ASN B 58 -1.11 -16.49 1.49
N TYR B 59 -0.62 -15.36 1.02
CA TYR B 59 -0.59 -14.14 1.82
C TYR B 59 -1.34 -13.03 1.13
N ASN B 60 -1.79 -12.07 1.92
CA ASN B 60 -2.31 -10.82 1.39
C ASN B 60 -1.18 -10.04 0.76
N PRO B 61 -1.32 -9.70 -0.54
CA PRO B 61 -0.26 -8.99 -1.27
C PRO B 61 0.18 -7.67 -0.62
N SER B 62 -0.68 -7.02 0.14
CA SER B 62 -0.30 -5.77 0.79
C SER B 62 0.52 -6.01 2.05
N LEU B 63 0.59 -7.26 2.51
CA LEU B 63 1.30 -7.60 3.73
C LEU B 63 2.37 -8.65 3.55
N GLU B 64 2.47 -9.20 2.34
CA GLU B 64 3.32 -10.36 2.07
C GLU B 64 4.78 -10.18 2.46
N SER B 65 5.32 -8.99 2.22
CA SER B 65 6.74 -8.78 2.44
C SER B 65 7.13 -8.72 3.92
N ARG B 66 6.15 -8.61 4.81
CA ARG B 66 6.43 -8.52 6.25
C ARG B 66 5.94 -9.77 6.99
N VAL B 67 5.20 -10.62 6.30
CA VAL B 67 4.47 -11.68 6.97
C VAL B 67 5.01 -13.07 6.68
N THR B 68 5.03 -13.91 7.72
CA THR B 68 5.30 -15.34 7.59
C THR B 68 4.29 -16.10 8.45
N VAL B 69 3.57 -17.04 7.84
CA VAL B 69 2.65 -17.91 8.58
C VAL B 69 3.26 -19.30 8.62
N SER B 70 3.25 -19.93 9.79
CA SER B 70 3.86 -21.24 9.92
C SER B 70 2.89 -22.16 10.67
N VAL B 71 3.11 -23.47 10.55
CA VAL B 71 2.23 -24.45 11.21
C VAL B 71 3.07 -25.56 11.86
N ASP B 72 2.62 -26.02 13.02
CA ASP B 72 3.26 -27.14 13.69
C ASP B 72 2.20 -28.15 14.10
N THR B 73 1.95 -29.11 13.20
CA THR B 73 0.89 -30.09 13.39
C THR B 73 1.10 -30.98 14.61
N SER B 74 2.34 -31.13 15.05
CA SER B 74 2.63 -31.91 16.25
C SER B 74 2.06 -31.23 17.50
N GLU B 75 1.90 -29.91 17.45
CA GLU B 75 1.45 -29.16 18.62
C GLU B 75 0.02 -28.64 18.47
N ASN B 76 -0.61 -28.94 17.32
CA ASN B 76 -1.91 -28.37 16.97
C ASN B 76 -1.90 -26.84 17.06
N GLN B 77 -0.84 -26.24 16.53
CA GLN B 77 -0.67 -24.80 16.57
C GLN B 77 -0.29 -24.26 15.20
N PHE B 78 -0.64 -23.01 14.93
CA PHE B 78 -0.03 -22.32 13.80
C PHE B 78 0.25 -20.89 14.24
N SER B 79 1.11 -20.20 13.50
CA SER B 79 1.67 -18.94 13.97
C SER B 79 1.75 -17.86 12.93
N LEU B 80 1.97 -16.65 13.41
CA LEU B 80 2.14 -15.49 12.56
C LEU B 80 3.37 -14.72 13.00
N ARG B 81 4.19 -14.33 12.03
CA ARG B 81 5.25 -13.39 12.30
C ARG B 81 5.01 -12.19 11.42
N LEU B 82 4.94 -11.01 12.06
CA LEU B 82 4.76 -9.74 11.37
C LEU B 82 5.92 -8.81 11.71
N ARG B 83 6.73 -8.49 10.71
CA ARG B 83 7.97 -7.75 10.91
C ARG B 83 7.81 -6.26 10.77
N SER B 84 8.73 -5.52 11.39
CA SER B 84 8.77 -4.05 11.28
C SER B 84 7.40 -3.44 11.55
N VAL B 85 6.81 -3.74 12.70
CA VAL B 85 5.49 -3.23 12.99
C VAL B 85 5.60 -1.74 13.31
N THR B 86 4.55 -0.99 12.99
CA THR B 86 4.46 0.41 13.39
C THR B 86 3.10 0.57 14.06
N ALA B 87 2.80 1.77 14.55
CA ALA B 87 1.54 2.01 15.25
C ALA B 87 0.34 1.62 14.40
N ALA B 88 0.51 1.72 13.08
CA ALA B 88 -0.55 1.37 12.13
C ALA B 88 -0.94 -0.12 12.18
N ASP B 89 -0.09 -0.94 12.81
CA ASP B 89 -0.36 -2.37 12.95
C ASP B 89 -1.12 -2.68 14.24
N THR B 90 -1.50 -1.64 14.98
CA THR B 90 -2.37 -1.79 16.14
C THR B 90 -3.71 -2.34 15.72
N ALA B 91 -4.11 -3.50 16.25
CA ALA B 91 -5.36 -4.11 15.82
C ALA B 91 -5.73 -5.27 16.71
N VAL B 92 -6.95 -5.77 16.55
CA VAL B 92 -7.30 -7.03 17.14
C VAL B 92 -7.01 -8.10 16.09
N TYR B 93 -6.14 -9.04 16.45
CA TYR B 93 -5.70 -10.11 15.56
C TYR B 93 -6.48 -11.38 15.85
N TYR B 94 -6.97 -11.99 14.78
CA TYR B 94 -7.80 -13.18 14.89
C TYR B 94 -7.15 -14.38 14.18
N CYS B 95 -7.29 -15.55 14.77
CA CYS B 95 -7.00 -16.78 14.05
C CYS B 95 -8.34 -17.39 13.66
N ALA B 96 -8.39 -18.08 12.53
CA ALA B 96 -9.65 -18.63 12.03
C ALA B 96 -9.41 -19.80 11.11
N SER B 97 -10.43 -20.61 10.88
CA SER B 97 -10.31 -21.74 9.98
C SER B 97 -10.99 -21.41 8.66
N LEU B 98 -10.35 -21.87 7.58
CA LEU B 98 -10.89 -21.69 6.24
C LEU B 98 -11.08 -23.07 5.65
N PRO B 99 -12.34 -23.46 5.39
CA PRO B 99 -12.63 -24.74 4.74
C PRO B 99 -12.03 -24.83 3.33
N ARG B 100 -11.61 -26.04 2.96
CA ARG B 100 -11.12 -26.33 1.62
C ARG B 100 -12.24 -26.13 0.58
N GLY B 101 -11.87 -25.73 -0.64
CA GLY B 101 -12.84 -25.60 -1.71
C GLY B 101 -12.55 -24.46 -2.67
N GLN B 102 -13.50 -24.13 -3.55
CA GLN B 102 -13.34 -22.98 -4.44
C GLN B 102 -13.29 -21.70 -3.63
N LEU B 103 -12.35 -20.82 -3.98
CA LEU B 103 -12.16 -19.57 -3.26
C LEU B 103 -13.37 -18.67 -3.44
N VAL B 104 -14.11 -18.90 -4.53
CA VAL B 104 -15.25 -18.07 -4.87
C VAL B 104 -16.38 -18.29 -3.84
N ASN B 105 -16.34 -19.43 -3.14
CA ASN B 105 -17.36 -19.73 -2.15
C ASN B 105 -16.74 -19.79 -0.75
N ALA B 106 -15.50 -19.34 -0.61
CA ALA B 106 -14.77 -19.48 0.65
C ALA B 106 -15.15 -18.39 1.67
N PHE B 107 -15.26 -18.81 2.93
CA PHE B 107 -15.48 -17.87 4.03
C PHE B 107 -14.88 -18.45 5.31
N PHE B 108 -14.67 -17.59 6.29
CA PHE B 108 -14.05 -18.04 7.54
C PHE B 108 -15.07 -18.50 8.58
N ASP B 109 -15.13 -19.81 8.80
CA ASP B 109 -16.02 -20.37 9.82
C ASP B 109 -15.07 -20.53 10.99
N ASN B 110 -15.60 -20.63 12.21
CA ASN B 110 -14.76 -20.75 13.41
C ASN B 110 -13.69 -19.66 13.52
N TRP B 111 -13.78 -18.87 14.59
CA TRP B 111 -12.85 -17.81 14.87
C TRP B 111 -12.42 -17.91 16.31
N GLY B 112 -11.20 -17.47 16.60
CA GLY B 112 -10.81 -17.27 17.98
C GLY B 112 -11.39 -15.98 18.53
N GLN B 113 -11.18 -15.79 19.83
CA GLN B 113 -11.58 -14.62 20.59
C GLN B 113 -11.01 -13.31 20.06
N GLY B 114 -9.80 -13.39 19.52
CA GLY B 114 -9.03 -12.23 19.11
C GLY B 114 -8.01 -11.87 20.20
N THR B 115 -6.87 -11.34 19.78
CA THR B 115 -5.91 -10.83 20.74
C THR B 115 -5.55 -9.40 20.32
N LEU B 116 -5.65 -8.45 21.26
CA LEU B 116 -5.35 -7.06 20.96
C LEU B 116 -3.83 -6.84 20.92
N VAL B 117 -3.36 -6.23 19.85
CA VAL B 117 -1.96 -5.89 19.80
C VAL B 117 -1.79 -4.40 19.61
N THR B 118 -1.14 -3.77 20.59
CA THR B 118 -0.81 -2.37 20.50
C THR B 118 0.66 -2.22 20.19
N VAL B 119 0.93 -1.48 19.13
CA VAL B 119 2.28 -1.16 18.71
C VAL B 119 2.52 0.32 18.97
N ALA B 120 3.53 0.64 19.78
CA ALA B 120 3.76 2.03 20.14
C ALA B 120 5.25 2.31 20.30
N SER B 121 5.56 3.51 20.79
CA SER B 121 6.92 4.01 20.92
C SER B 121 7.86 3.12 21.71
N ALA B 122 9.11 3.04 21.25
CA ALA B 122 10.12 2.24 21.94
C ALA B 122 10.71 2.98 23.14
N SER B 123 10.33 4.25 23.31
CA SER B 123 10.89 5.06 24.39
C SER B 123 9.88 5.99 25.05
N THR B 124 10.10 6.25 26.33
CA THR B 124 9.30 7.21 27.08
C THR B 124 9.57 8.63 26.57
N LYS B 125 8.51 9.42 26.39
CA LYS B 125 8.66 10.81 25.95
C LYS B 125 7.61 11.70 26.62
N GLY B 126 8.05 12.84 27.13
CA GLY B 126 7.16 13.80 27.75
C GLY B 126 6.44 14.65 26.71
N PRO B 127 5.25 15.16 27.04
CA PRO B 127 4.41 15.89 26.08
C PRO B 127 4.85 17.32 25.84
N SER B 128 4.53 17.86 24.66
CA SER B 128 4.54 19.29 24.44
C SER B 128 3.12 19.79 24.62
N VAL B 129 2.97 20.90 25.34
CA VAL B 129 1.64 21.41 25.62
C VAL B 129 1.42 22.77 24.97
N PHE B 130 0.30 22.90 24.26
CA PHE B 130 -0.02 24.12 23.53
C PHE B 130 -1.38 24.64 23.98
N PRO B 131 -1.55 25.97 23.98
CA PRO B 131 -2.83 26.55 24.36
C PRO B 131 -3.84 26.47 23.23
N LEU B 132 -5.10 26.16 23.56
CA LEU B 132 -6.20 26.22 22.59
C LEU B 132 -7.06 27.44 22.92
N ALA B 133 -6.73 28.57 22.28
CA ALA B 133 -7.38 29.84 22.60
C ALA B 133 -8.87 29.85 22.28
N PRO B 134 -9.66 30.54 23.10
CA PRO B 134 -11.09 30.72 22.84
C PRO B 134 -11.27 31.76 21.74
N GLY B 141 -24.62 29.30 23.94
CA GLY B 141 -25.16 30.53 24.51
C GLY B 141 -24.08 31.54 24.81
N GLY B 142 -24.09 32.08 26.03
CA GLY B 142 -23.13 33.08 26.46
C GLY B 142 -21.77 32.51 26.81
N THR B 143 -21.44 31.33 26.25
CA THR B 143 -20.22 30.62 26.62
C THR B 143 -19.11 30.60 25.57
N ALA B 144 -17.94 30.11 25.99
CA ALA B 144 -16.80 29.89 25.11
C ALA B 144 -16.06 28.63 25.57
N ALA B 145 -15.40 27.97 24.62
CA ALA B 145 -14.57 26.82 24.93
C ALA B 145 -13.10 27.19 24.78
N LEU B 146 -12.32 26.80 25.77
CA LEU B 146 -10.87 26.94 25.66
C LEU B 146 -10.22 25.64 26.16
N GLY B 147 -8.95 25.43 25.81
CA GLY B 147 -8.32 24.20 26.22
C GLY B 147 -6.82 24.12 26.11
N CYS B 148 -6.32 22.91 26.28
CA CYS B 148 -4.90 22.61 26.14
C CYS B 148 -4.74 21.37 25.28
N LEU B 149 -3.75 21.42 24.40
CA LEU B 149 -3.38 20.29 23.55
C LEU B 149 -2.14 19.64 24.12
N VAL B 150 -2.25 18.36 24.43
CA VAL B 150 -1.18 17.60 25.03
C VAL B 150 -0.64 16.61 23.99
N LYS B 151 0.47 16.99 23.38
CA LYS B 151 0.94 16.36 22.15
C LYS B 151 2.16 15.46 22.36
N ASP B 152 2.10 14.27 21.75
CA ASP B 152 3.26 13.37 21.60
C ASP B 152 3.89 12.91 22.90
N TYR B 153 3.15 12.12 23.68
CA TYR B 153 3.73 11.55 24.89
C TYR B 153 3.59 10.04 24.89
N PHE B 154 4.42 9.41 25.70
CA PHE B 154 4.35 7.97 25.92
C PHE B 154 5.07 7.63 27.21
N PRO B 155 4.50 6.75 28.03
CA PRO B 155 3.20 6.11 27.81
C PRO B 155 2.08 6.87 28.52
N GLU B 156 0.87 6.33 28.43
CA GLU B 156 -0.23 6.75 29.30
C GLU B 156 0.18 6.44 30.75
N PRO B 157 -0.43 7.13 31.72
CA PRO B 157 -1.43 8.18 31.55
C PRO B 157 -0.84 9.57 31.70
N VAL B 158 -1.68 10.55 31.43
CA VAL B 158 -1.43 11.94 31.71
C VAL B 158 -2.56 12.43 32.62
N THR B 159 -2.25 13.31 33.57
CA THR B 159 -3.27 13.95 34.40
C THR B 159 -3.34 15.42 34.04
N VAL B 160 -4.52 15.88 33.67
CA VAL B 160 -4.73 17.30 33.41
C VAL B 160 -5.65 17.92 34.46
N SER B 161 -5.22 19.04 35.03
CA SER B 161 -6.11 19.83 35.87
C SER B 161 -6.07 21.29 35.41
N TRP B 162 -7.06 22.05 35.86
CA TRP B 162 -7.18 23.45 35.53
C TRP B 162 -7.09 24.26 36.82
N ASN B 163 -6.27 25.31 36.77
CA ASN B 163 -6.04 26.16 37.93
C ASN B 163 -5.75 25.34 39.20
N SER B 164 -4.83 24.38 39.05
CA SER B 164 -4.39 23.52 40.12
C SER B 164 -5.54 22.66 40.67
N GLY B 165 -6.64 22.58 39.93
CA GLY B 165 -7.76 21.74 40.30
C GLY B 165 -8.90 22.50 40.92
N ALA B 166 -8.77 23.81 41.05
CA ALA B 166 -9.82 24.63 41.65
C ALA B 166 -10.94 24.87 40.66
N LEU B 167 -10.64 24.71 39.38
CA LEU B 167 -11.64 24.86 38.32
C LEU B 167 -12.10 23.47 37.88
N THR B 168 -13.37 23.16 38.11
CA THR B 168 -13.91 21.83 37.80
C THR B 168 -15.14 21.85 36.89
N SER B 169 -15.94 22.90 36.99
CA SER B 169 -17.16 23.02 36.20
C SER B 169 -16.86 23.21 34.73
N GLY B 170 -17.42 22.36 33.87
CA GLY B 170 -17.24 22.53 32.45
C GLY B 170 -15.93 21.98 31.92
N VAL B 171 -15.20 21.23 32.75
CA VAL B 171 -13.95 20.63 32.29
C VAL B 171 -14.22 19.27 31.65
N HIS B 172 -13.71 19.07 30.43
CA HIS B 172 -13.83 17.77 29.76
C HIS B 172 -12.47 17.42 29.13
N THR B 173 -11.82 16.41 29.70
CA THR B 173 -10.55 15.93 29.18
C THR B 173 -10.79 14.69 28.33
N PHE B 174 -10.36 14.73 27.08
CA PHE B 174 -10.68 13.68 26.12
C PHE B 174 -9.72 12.51 26.17
N PRO B 175 -10.21 11.31 25.83
CA PRO B 175 -9.34 10.13 25.65
C PRO B 175 -8.25 10.38 24.61
N ALA B 176 -7.08 9.81 24.80
CA ALA B 176 -5.95 10.07 23.92
C ALA B 176 -6.10 9.37 22.58
N VAL B 177 -5.51 9.96 21.54
CA VAL B 177 -5.39 9.29 20.25
C VAL B 177 -3.99 8.69 20.17
N LEU B 178 -3.91 7.46 19.66
CA LEU B 178 -2.62 6.86 19.38
C LEU B 178 -2.27 7.22 17.95
N GLN B 179 -1.26 8.05 17.75
CA GLN B 179 -0.99 8.44 16.38
C GLN B 179 0.01 7.49 15.72
N SER B 180 0.22 7.66 14.42
CA SER B 180 1.01 6.74 13.61
C SER B 180 2.47 6.69 14.06
N SER B 181 2.91 7.73 14.76
CA SER B 181 4.27 7.75 15.29
C SER B 181 4.45 6.82 16.51
N GLY B 182 3.35 6.30 17.06
CA GLY B 182 3.43 5.46 18.25
C GLY B 182 3.40 6.25 19.55
N LEU B 183 3.08 7.54 19.45
CA LEU B 183 2.92 8.41 20.61
C LEU B 183 1.46 8.82 20.80
N TYR B 184 1.07 9.20 22.01
CA TYR B 184 -0.29 9.67 22.29
C TYR B 184 -0.44 11.18 22.23
N SER B 185 -1.66 11.63 21.96
CA SER B 185 -2.04 13.03 22.11
C SER B 185 -3.45 13.09 22.68
N LEU B 186 -3.69 14.03 23.58
CA LEU B 186 -5.05 14.30 24.02
C LEU B 186 -5.31 15.79 24.13
N SER B 187 -6.56 16.12 24.37
CA SER B 187 -6.95 17.51 24.60
C SER B 187 -7.81 17.60 25.85
N SER B 188 -7.66 18.70 26.59
CA SER B 188 -8.57 19.03 27.68
C SER B 188 -9.20 20.35 27.34
N VAL B 189 -10.52 20.43 27.49
CA VAL B 189 -11.24 21.62 27.11
C VAL B 189 -12.13 22.04 28.27
N VAL B 190 -12.32 23.35 28.44
CA VAL B 190 -13.24 23.81 29.47
C VAL B 190 -14.18 24.82 28.84
N THR B 191 -15.46 24.69 29.16
CA THR B 191 -16.48 25.63 28.71
C THR B 191 -16.72 26.69 29.79
N VAL B 192 -16.54 27.96 29.45
CA VAL B 192 -16.60 29.03 30.44
C VAL B 192 -17.54 30.13 29.97
N PRO B 193 -18.00 30.99 30.90
CA PRO B 193 -18.78 32.15 30.47
C PRO B 193 -17.96 33.11 29.63
N SER B 194 -18.52 33.61 28.53
CA SER B 194 -17.83 34.59 27.70
C SER B 194 -17.58 35.84 28.51
N SER B 195 -18.38 36.04 29.57
CA SER B 195 -18.28 37.18 30.47
C SER B 195 -16.89 37.22 31.09
N SER B 196 -16.25 36.06 31.18
CA SER B 196 -14.88 35.98 31.66
C SER B 196 -14.00 36.53 30.53
N LEU B 197 -12.90 35.86 30.24
CA LEU B 197 -11.97 36.26 29.18
C LEU B 197 -11.48 37.70 29.35
N GLY B 198 -10.18 37.86 29.55
CA GLY B 198 -9.62 39.18 29.83
C GLY B 198 -9.70 39.38 31.33
N THR B 199 -10.78 38.86 31.89
CA THR B 199 -10.99 38.69 33.32
C THR B 199 -10.95 37.18 33.52
N GLN B 200 -10.37 36.76 34.64
CA GLN B 200 -10.20 35.36 35.03
C GLN B 200 -9.15 34.64 34.17
N THR B 201 -8.20 34.05 34.87
CA THR B 201 -7.07 33.37 34.30
C THR B 201 -7.33 31.87 34.16
N TYR B 202 -6.93 31.31 33.03
CA TYR B 202 -7.08 29.88 32.84
C TYR B 202 -5.74 29.26 32.54
N ILE B 203 -5.33 28.36 33.44
CA ILE B 203 -4.04 27.71 33.33
C ILE B 203 -4.25 26.20 33.42
N CYS B 204 -3.77 25.48 32.41
CA CYS B 204 -3.85 24.02 32.46
C CYS B 204 -2.53 23.46 33.01
N ASN B 205 -2.66 22.48 33.90
CA ASN B 205 -1.53 21.82 34.50
C ASN B 205 -1.45 20.40 33.97
N VAL B 206 -0.36 20.03 33.32
CA VAL B 206 -0.26 18.71 32.72
C VAL B 206 0.78 17.91 33.47
N ASN B 207 0.37 16.75 34.00
CA ASN B 207 1.27 15.89 34.75
C ASN B 207 1.47 14.57 34.00
N HIS B 208 2.72 14.33 33.58
CA HIS B 208 3.10 13.06 32.96
C HIS B 208 4.23 12.40 33.76
N LYS B 209 3.86 11.66 34.80
CA LYS B 209 4.84 11.07 35.73
C LYS B 209 5.89 10.13 35.14
N PRO B 210 5.53 9.28 34.14
CA PRO B 210 6.54 8.39 33.54
C PRO B 210 7.77 9.10 32.99
N SER B 211 7.64 10.30 32.43
CA SER B 211 8.80 11.05 31.95
C SER B 211 9.23 12.11 32.96
N ASN B 212 8.61 12.09 34.15
CA ASN B 212 8.95 13.03 35.21
C ASN B 212 8.65 14.46 34.78
N THR B 213 7.62 14.62 33.94
CA THR B 213 7.33 15.91 33.35
C THR B 213 6.06 16.55 33.91
N LYS B 214 6.12 17.87 34.10
CA LYS B 214 5.00 18.70 34.52
C LYS B 214 5.08 20.03 33.76
N VAL B 215 3.98 20.38 33.09
CA VAL B 215 3.95 21.58 32.26
C VAL B 215 2.73 22.42 32.67
N ASP B 216 2.93 23.73 32.81
CA ASP B 216 1.85 24.67 33.08
C ASP B 216 1.69 25.63 31.91
N LYS B 217 0.49 25.74 31.35
CA LYS B 217 0.26 26.65 30.23
C LYS B 217 -0.90 27.59 30.51
N ARG B 218 -0.68 28.87 30.24
CA ARG B 218 -1.74 29.85 30.39
C ARG B 218 -2.46 30.02 29.06
N VAL B 219 -3.78 29.91 29.11
CA VAL B 219 -4.60 29.97 27.92
C VAL B 219 -5.30 31.32 27.85
N GLU B 220 -5.00 32.07 26.80
CA GLU B 220 -5.55 33.39 26.61
C GLU B 220 -6.09 33.57 25.19
N PRO B 221 -7.10 34.45 25.04
CA PRO B 221 -7.62 34.84 23.73
C PRO B 221 -6.60 35.65 22.93
N LYS B 222 -6.52 35.42 21.63
CA LYS B 222 -5.58 36.18 20.78
C LYS B 222 -6.28 37.36 20.13
N GLN C 1 0.30 22.80 -31.32
CA GLN C 1 -0.87 23.23 -30.58
C GLN C 1 -0.59 23.19 -29.08
N VAL C 2 -0.77 22.04 -28.44
CA VAL C 2 -0.51 21.93 -27.01
C VAL C 2 0.70 21.03 -26.76
N GLN C 3 1.76 21.61 -26.21
CA GLN C 3 2.96 20.83 -25.91
C GLN C 3 3.35 20.90 -24.45
N LEU C 4 3.85 19.79 -23.95
CA LEU C 4 4.19 19.68 -22.54
C LEU C 4 5.65 19.29 -22.37
N GLN C 5 6.24 19.76 -21.28
CA GLN C 5 7.62 19.41 -20.95
C GLN C 5 7.82 19.37 -19.44
N GLU C 6 8.24 18.21 -18.94
CA GLU C 6 8.50 18.03 -17.54
C GLU C 6 9.88 18.57 -17.26
N SER C 7 10.11 19.02 -16.03
CA SER C 7 11.46 19.29 -15.54
C SER C 7 11.62 18.58 -14.21
N GLY C 8 12.78 17.99 -13.97
CA GLY C 8 12.99 17.25 -12.74
C GLY C 8 14.44 17.25 -12.28
N PRO C 9 14.68 16.76 -11.06
CA PRO C 9 15.99 16.76 -10.41
C PRO C 9 16.87 15.56 -10.77
N GLY C 10 16.32 14.59 -11.48
CA GLY C 10 17.11 13.41 -11.86
C GLY C 10 17.27 12.45 -10.70
N LEU C 11 18.20 12.76 -9.81
CA LEU C 11 18.48 11.89 -8.67
C LEU C 11 18.00 12.55 -7.38
N VAL C 12 17.33 11.77 -6.54
CA VAL C 12 16.82 12.27 -5.28
C VAL C 12 17.17 11.27 -4.16
N LYS C 13 17.24 11.72 -2.91
CA LYS C 13 17.54 10.82 -1.81
C LYS C 13 16.27 10.34 -1.12
N SER C 14 16.29 9.11 -0.62
CA SER C 14 15.13 8.56 0.10
C SER C 14 14.70 9.46 1.26
N SER C 15 13.39 9.49 1.49
CA SER C 15 12.71 10.31 2.52
C SER C 15 12.53 11.78 2.11
N GLU C 16 13.21 12.21 1.05
CA GLU C 16 13.01 13.58 0.58
C GLU C 16 11.68 13.73 -0.15
N THR C 17 11.36 14.96 -0.53
CA THR C 17 10.14 15.20 -1.27
C THR C 17 10.52 15.51 -2.70
N LEU C 18 9.87 14.82 -3.63
CA LEU C 18 10.10 15.02 -5.05
C LEU C 18 9.26 16.18 -5.59
N SER C 19 9.89 17.05 -6.35
CA SER C 19 9.20 18.18 -6.99
C SER C 19 9.45 18.19 -8.48
N LEU C 20 8.36 18.17 -9.24
CA LEU C 20 8.44 18.25 -10.69
C LEU C 20 7.59 19.40 -11.19
N THR C 21 7.87 19.89 -12.38
CA THR C 21 7.10 20.96 -12.98
C THR C 21 6.90 20.70 -14.48
N CYS C 22 5.70 20.99 -14.98
CA CYS C 22 5.41 20.88 -16.40
C CYS C 22 5.17 22.27 -17.00
N THR C 23 5.77 22.53 -18.15
CA THR C 23 5.53 23.79 -18.84
C THR C 23 4.69 23.56 -20.08
N VAL C 24 3.49 24.16 -20.11
CA VAL C 24 2.58 23.99 -21.23
C VAL C 24 2.84 25.08 -22.28
N SER C 25 3.22 24.67 -23.49
CA SER C 25 3.52 25.59 -24.59
C SER C 25 2.40 25.55 -25.61
N GLY C 26 2.13 26.70 -26.22
CA GLY C 26 1.00 26.78 -27.13
C GLY C 26 -0.18 27.38 -26.39
N GLY C 27 -1.24 26.60 -26.22
CA GLY C 27 -2.47 27.12 -25.63
C GLY C 27 -2.38 27.54 -24.18
N SER C 28 -3.53 27.87 -23.61
CA SER C 28 -3.61 28.30 -22.23
C SER C 28 -4.02 27.12 -21.33
N MET C 29 -4.20 27.38 -20.05
CA MET C 29 -4.45 26.32 -19.08
C MET C 29 -5.92 25.93 -18.98
N GLY C 30 -6.71 26.31 -19.98
CA GLY C 30 -8.13 26.05 -19.95
C GLY C 30 -8.52 24.90 -20.86
N GLY C 31 -9.67 24.29 -20.57
CA GLY C 31 -10.19 23.24 -21.41
C GLY C 31 -9.59 21.87 -21.11
N TYR C 32 -8.65 21.83 -20.17
CA TYR C 32 -7.96 20.59 -19.85
C TYR C 32 -7.82 20.32 -18.35
N TYR C 33 -7.77 19.04 -17.99
CA TYR C 33 -7.22 18.64 -16.70
C TYR C 33 -5.73 18.32 -16.90
N TRP C 34 -4.89 18.90 -16.05
CA TRP C 34 -3.44 18.70 -16.18
C TRP C 34 -2.98 17.61 -15.24
N SER C 35 -2.43 16.52 -15.81
CA SER C 35 -2.19 15.29 -15.06
C SER C 35 -0.71 14.93 -14.94
N TRP C 36 -0.41 14.18 -13.89
CA TRP C 36 0.88 13.54 -13.70
C TRP C 36 0.65 12.04 -13.70
N LEU C 37 1.58 11.32 -14.34
CA LEU C 37 1.54 9.87 -14.30
C LEU C 37 2.97 9.44 -14.19
N ARG C 38 3.19 8.17 -13.88
CA ARG C 38 4.52 7.62 -13.82
C ARG C 38 4.56 6.19 -14.39
N GLN C 39 5.74 5.79 -14.82
CA GLN C 39 5.90 4.47 -15.42
C GLN C 39 7.17 3.82 -14.88
N SER C 40 7.05 2.59 -14.41
CA SER C 40 8.22 1.82 -13.96
C SER C 40 7.89 0.35 -14.17
N PRO C 41 8.91 -0.51 -14.22
CA PRO C 41 8.64 -1.96 -14.38
C PRO C 41 7.75 -2.53 -13.27
N VAL C 42 7.89 -2.02 -12.05
CA VAL C 42 7.14 -2.54 -10.92
C VAL C 42 5.74 -1.90 -10.78
N LYS C 43 5.64 -0.60 -11.10
CA LYS C 43 4.38 0.11 -10.93
C LYS C 43 3.54 0.07 -12.21
N GLY C 44 4.14 -0.41 -13.31
CA GLY C 44 3.50 -0.36 -14.61
C GLY C 44 3.31 1.10 -15.00
N LEU C 45 2.24 1.38 -15.74
CA LEU C 45 1.86 2.75 -16.04
C LEU C 45 0.82 3.12 -14.99
N GLU C 46 1.08 4.20 -14.25
CA GLU C 46 0.23 4.57 -13.12
C GLU C 46 -0.11 6.06 -13.12
N TRP C 47 -1.40 6.35 -12.98
CA TRP C 47 -1.88 7.73 -12.87
C TRP C 47 -1.67 8.23 -11.44
N ILE C 48 -1.24 9.48 -11.32
CA ILE C 48 -0.92 10.06 -10.01
C ILE C 48 -2.02 11.03 -9.55
N GLY C 49 -2.30 12.04 -10.38
CA GLY C 49 -3.31 13.03 -10.06
C GLY C 49 -3.46 14.05 -11.16
N TYR C 50 -4.54 14.82 -11.13
CA TYR C 50 -4.71 15.92 -12.08
C TYR C 50 -5.28 17.15 -11.39
N ILE C 51 -5.19 18.29 -12.06
CA ILE C 51 -5.67 19.55 -11.51
C ILE C 51 -6.33 20.38 -12.60
N PHE C 52 -7.41 21.10 -12.24
CA PHE C 52 -8.07 22.07 -13.13
C PHE C 52 -7.55 23.45 -12.77
N HIS C 53 -7.61 24.40 -13.70
CA HIS C 53 -7.09 25.76 -13.45
C HIS C 53 -7.80 26.48 -12.31
N THR C 54 -8.96 25.98 -11.90
CA THR C 54 -9.70 26.50 -10.76
C THR C 54 -9.12 26.03 -9.44
N GLY C 55 -8.20 25.07 -9.50
CA GLY C 55 -7.51 24.57 -8.32
C GLY C 55 -8.04 23.22 -7.87
N HIS C 56 -9.13 22.79 -8.49
CA HIS C 56 -9.74 21.50 -8.22
C HIS C 56 -8.79 20.33 -8.51
N THR C 57 -8.68 19.41 -7.56
CA THR C 57 -7.79 18.26 -7.72
C THR C 57 -8.52 16.93 -7.59
N ASN C 58 -7.93 15.89 -8.18
CA ASN C 58 -8.32 14.50 -7.97
C ASN C 58 -7.05 13.66 -7.97
N TYR C 59 -6.88 12.77 -6.99
CA TYR C 59 -5.64 12.00 -6.92
C TYR C 59 -5.94 10.51 -6.97
N ASN C 60 -4.95 9.72 -7.36
CA ASN C 60 -5.04 8.27 -7.24
C ASN C 60 -5.06 7.95 -5.75
N PRO C 61 -6.11 7.25 -5.29
CA PRO C 61 -6.30 6.88 -3.88
C PRO C 61 -5.16 6.07 -3.28
N SER C 62 -4.39 5.36 -4.09
CA SER C 62 -3.26 4.60 -3.56
C SER C 62 -2.06 5.50 -3.28
N LEU C 63 -2.12 6.73 -3.78
CA LEU C 63 -1.02 7.69 -3.60
C LEU C 63 -1.50 8.97 -2.93
N GLU C 64 -2.81 9.01 -2.68
CA GLU C 64 -3.52 10.24 -2.33
C GLU C 64 -2.90 10.99 -1.15
N SER C 65 -2.42 10.27 -0.14
CA SER C 65 -1.88 10.91 1.06
C SER C 65 -0.49 11.51 0.85
N ARG C 66 0.17 11.19 -0.27
CA ARG C 66 1.55 11.67 -0.47
C ARG C 66 1.70 12.72 -1.56
N VAL C 67 0.63 12.97 -2.31
CA VAL C 67 0.76 13.77 -3.51
C VAL C 67 0.07 15.12 -3.39
N THR C 68 0.70 16.12 -3.98
CA THR C 68 0.05 17.42 -4.12
C THR C 68 0.30 17.91 -5.53
N VAL C 69 -0.77 18.20 -6.25
CA VAL C 69 -0.67 18.79 -7.59
C VAL C 69 -1.13 20.22 -7.52
N SER C 70 -0.38 21.12 -8.16
CA SER C 70 -0.66 22.54 -8.12
C SER C 70 -0.58 23.12 -9.52
N VAL C 71 -1.16 24.31 -9.71
CA VAL C 71 -1.18 24.97 -11.01
C VAL C 71 -0.80 26.45 -10.87
N ASP C 72 -0.08 26.97 -11.85
CA ASP C 72 0.21 28.41 -11.94
C ASP C 72 -0.06 28.89 -13.36
N THR C 73 -1.29 29.34 -13.59
CA THR C 73 -1.74 29.77 -14.92
C THR C 73 -0.98 30.99 -15.46
N SER C 74 -0.39 31.79 -14.57
CA SER C 74 0.40 32.94 -15.00
C SER C 74 1.65 32.52 -15.76
N GLU C 75 2.13 31.32 -15.45
CA GLU C 75 3.37 30.81 -16.02
C GLU C 75 3.15 29.66 -17.01
N ASN C 76 1.88 29.31 -17.26
CA ASN C 76 1.55 28.12 -18.06
C ASN C 76 2.22 26.88 -17.49
N GLN C 77 2.16 26.72 -16.17
CA GLN C 77 2.82 25.61 -15.50
C GLN C 77 1.91 24.91 -14.51
N PHE C 78 2.19 23.63 -14.27
CA PHE C 78 1.65 22.93 -13.10
C PHE C 78 2.71 21.98 -12.53
N SER C 79 2.51 21.56 -11.28
CA SER C 79 3.57 20.91 -10.52
C SER C 79 3.07 19.68 -9.80
N LEU C 80 4.03 18.87 -9.38
CA LEU C 80 3.76 17.67 -8.59
C LEU C 80 4.69 17.70 -7.39
N ARG C 81 4.15 17.44 -6.21
CA ARG C 81 4.96 17.20 -5.04
C ARG C 81 4.62 15.81 -4.52
N LEU C 82 5.64 14.98 -4.36
CA LEU C 82 5.51 13.62 -3.86
C LEU C 82 6.37 13.47 -2.61
N ARG C 83 5.74 13.24 -1.46
CA ARG C 83 6.46 13.31 -0.18
C ARG C 83 7.05 11.99 0.26
N SER C 84 8.15 12.06 1.01
CA SER C 84 8.79 10.89 1.63
C SER C 84 8.95 9.74 0.62
N VAL C 85 9.68 10.01 -0.46
CA VAL C 85 9.91 9.01 -1.50
C VAL C 85 10.87 7.92 -1.02
N THR C 86 10.73 6.72 -1.59
CA THR C 86 11.66 5.62 -1.40
C THR C 86 12.08 5.11 -2.78
N ALA C 87 12.95 4.10 -2.83
CA ALA C 87 13.45 3.60 -4.11
C ALA C 87 12.33 3.16 -5.05
N ALA C 88 11.22 2.69 -4.47
CA ALA C 88 10.08 2.21 -5.24
C ALA C 88 9.42 3.31 -6.06
N ASP C 89 9.72 4.58 -5.75
CA ASP C 89 9.15 5.70 -6.50
C ASP C 89 10.02 6.05 -7.70
N THR C 90 11.10 5.29 -7.90
CA THR C 90 11.94 5.44 -9.08
C THR C 90 11.11 5.15 -10.32
N ALA C 91 11.01 6.13 -11.23
CA ALA C 91 10.13 5.96 -12.38
C ALA C 91 10.36 7.05 -13.41
N VAL C 92 9.78 6.89 -14.59
CA VAL C 92 9.69 8.01 -15.52
C VAL C 92 8.36 8.68 -15.27
N TYR C 93 8.42 9.95 -14.89
CA TYR C 93 7.23 10.72 -14.56
C TYR C 93 6.79 11.54 -15.75
N TYR C 94 5.51 11.45 -16.06
CA TYR C 94 4.95 12.13 -17.23
C TYR C 94 3.93 13.19 -16.81
N CYS C 95 3.96 14.32 -17.50
CA CYS C 95 2.87 15.26 -17.42
C CYS C 95 2.03 15.04 -18.67
N ALA C 96 0.73 15.24 -18.54
CA ALA C 96 -0.19 14.95 -19.63
C ALA C 96 -1.46 15.78 -19.51
N SER C 97 -2.16 15.92 -20.62
CA SER C 97 -3.43 16.65 -20.60
C SER C 97 -4.63 15.68 -20.70
N LEU C 98 -5.68 16.04 -19.97
CA LEU C 98 -6.98 15.36 -19.98
C LEU C 98 -8.03 16.35 -20.45
N PRO C 99 -8.72 16.06 -21.57
CA PRO C 99 -9.83 16.94 -21.99
C PRO C 99 -10.92 17.02 -20.93
N ARG C 100 -11.53 18.19 -20.76
CA ARG C 100 -12.60 18.35 -19.77
C ARG C 100 -13.81 17.49 -20.06
N GLY C 101 -14.39 16.93 -19.00
CA GLY C 101 -15.64 16.22 -19.17
C GLY C 101 -15.67 14.87 -18.51
N GLN C 102 -16.72 14.16 -18.86
CA GLN C 102 -16.93 12.74 -18.60
C GLN C 102 -15.67 11.93 -18.30
N LEU C 103 -15.59 11.34 -17.12
CA LEU C 103 -14.44 10.50 -16.79
C LEU C 103 -14.55 9.20 -17.57
N VAL C 104 -15.78 8.84 -17.93
CA VAL C 104 -16.08 7.57 -18.58
C VAL C 104 -15.58 7.51 -20.02
N ASN C 105 -15.33 8.66 -20.62
CA ASN C 105 -14.81 8.70 -21.99
C ASN C 105 -13.46 9.40 -22.06
N ALA C 106 -12.85 9.60 -20.90
CA ALA C 106 -11.63 10.38 -20.80
C ALA C 106 -10.38 9.56 -21.18
N PHE C 107 -9.43 10.23 -21.83
CA PHE C 107 -8.12 9.65 -22.10
C PHE C 107 -7.10 10.78 -22.17
N PHE C 108 -5.82 10.44 -21.97
CA PHE C 108 -4.76 11.44 -21.92
C PHE C 108 -4.29 11.69 -23.36
N ASP C 109 -4.59 12.87 -23.89
CA ASP C 109 -4.32 13.13 -25.32
C ASP C 109 -2.98 13.77 -25.67
N ASN C 110 -2.37 14.48 -24.75
CA ASN C 110 -1.05 15.07 -25.00
C ASN C 110 -0.12 14.70 -23.85
N TRP C 111 1.10 14.27 -24.17
CA TRP C 111 2.06 13.85 -23.17
C TRP C 111 3.42 14.53 -23.37
N GLY C 112 4.12 14.82 -22.27
CA GLY C 112 5.51 15.23 -22.38
C GLY C 112 6.40 14.01 -22.64
N GLN C 113 7.66 14.26 -22.97
CA GLN C 113 8.62 13.19 -23.24
C GLN C 113 8.85 12.36 -21.98
N GLY C 114 8.64 12.96 -20.82
CA GLY C 114 8.88 12.30 -19.55
C GLY C 114 10.20 12.63 -18.89
N THR C 115 10.25 12.60 -17.57
CA THR C 115 11.53 12.79 -16.87
C THR C 115 11.81 11.65 -15.89
N LEU C 116 12.99 11.06 -16.00
CA LEU C 116 13.38 9.94 -15.16
C LEU C 116 13.75 10.42 -13.76
N VAL C 117 13.15 9.79 -12.75
CA VAL C 117 13.52 10.13 -11.39
C VAL C 117 14.05 8.89 -10.69
N THR C 118 15.30 8.98 -10.25
CA THR C 118 15.90 7.90 -9.48
C THR C 118 15.89 8.32 -8.00
N VAL C 119 15.32 7.47 -7.16
CA VAL C 119 15.33 7.71 -5.72
C VAL C 119 16.23 6.65 -5.08
N ALA C 120 17.27 7.09 -4.39
CA ALA C 120 18.24 6.13 -3.83
C ALA C 120 18.79 6.60 -2.49
N SER C 121 19.79 5.87 -2.00
CA SER C 121 20.38 6.13 -0.69
C SER C 121 20.90 7.55 -0.49
N ALA C 122 20.72 8.07 0.71
CA ALA C 122 21.18 9.42 1.06
C ALA C 122 22.68 9.43 1.35
N SER C 123 23.28 8.24 1.43
CA SER C 123 24.69 8.12 1.80
C SER C 123 25.48 7.05 1.01
N THR C 124 26.76 7.35 0.82
CA THR C 124 27.71 6.43 0.18
C THR C 124 27.89 5.20 1.03
N LYS C 125 27.89 4.02 0.42
CA LYS C 125 28.08 2.79 1.17
C LYS C 125 28.87 1.77 0.35
N GLY C 126 29.88 1.16 0.96
CA GLY C 126 30.67 0.13 0.30
C GLY C 126 29.96 -1.22 0.25
N PRO C 127 30.30 -2.06 -0.75
CA PRO C 127 29.55 -3.32 -0.85
C PRO C 127 29.99 -4.40 0.13
N SER C 128 29.08 -5.33 0.43
CA SER C 128 29.44 -6.63 1.01
C SER C 128 29.54 -7.60 -0.16
N VAL C 129 30.60 -8.40 -0.19
CA VAL C 129 30.85 -9.33 -1.30
C VAL C 129 30.76 -10.79 -0.82
N PHE C 130 29.97 -11.61 -1.51
CA PHE C 130 29.77 -13.00 -1.10
C PHE C 130 30.12 -13.98 -2.20
N PRO C 131 30.62 -15.17 -1.82
CA PRO C 131 30.96 -16.15 -2.86
C PRO C 131 29.71 -16.90 -3.33
N LEU C 132 29.62 -17.11 -4.64
CA LEU C 132 28.58 -17.96 -5.20
C LEU C 132 29.25 -19.25 -5.65
N ALA C 133 29.26 -20.26 -4.77
CA ALA C 133 30.01 -21.50 -5.00
C ALA C 133 29.51 -22.20 -6.26
N PRO C 134 30.41 -22.86 -7.00
CA PRO C 134 29.99 -23.50 -8.25
C PRO C 134 29.12 -24.77 -8.16
N SER C 135 29.20 -25.53 -7.05
CA SER C 135 28.51 -26.82 -6.91
C SER C 135 29.14 -27.87 -7.82
N SER C 140 25.60 -31.97 -17.98
CA SER C 140 25.75 -30.59 -17.52
C SER C 140 26.72 -29.80 -18.39
N GLY C 141 27.25 -30.44 -19.43
CA GLY C 141 28.15 -29.78 -20.36
C GLY C 141 29.61 -29.83 -19.94
N GLY C 142 29.84 -30.34 -18.73
CA GLY C 142 31.18 -30.40 -18.15
C GLY C 142 31.65 -29.03 -17.71
N THR C 143 30.71 -28.09 -17.64
CA THR C 143 31.02 -26.73 -17.23
C THR C 143 30.35 -26.46 -15.88
N ALA C 144 30.77 -25.38 -15.25
CA ALA C 144 30.17 -24.97 -14.00
C ALA C 144 30.18 -23.46 -13.96
N ALA C 145 29.22 -22.91 -13.25
CA ALA C 145 29.18 -21.49 -13.07
C ALA C 145 29.54 -21.19 -11.62
N LEU C 146 30.44 -20.23 -11.43
CA LEU C 146 30.70 -19.72 -10.09
C LEU C 146 30.73 -18.19 -10.19
N GLY C 147 30.60 -17.51 -9.06
CA GLY C 147 30.58 -16.07 -9.12
C GLY C 147 30.72 -15.36 -7.79
N CYS C 148 30.50 -14.05 -7.82
CA CYS C 148 30.51 -13.23 -6.61
C CYS C 148 29.28 -12.36 -6.60
N LEU C 149 28.68 -12.24 -5.42
CA LEU C 149 27.54 -11.37 -5.23
C LEU C 149 28.03 -10.09 -4.56
N VAL C 150 27.75 -8.97 -5.20
CA VAL C 150 28.18 -7.68 -4.70
C VAL C 150 26.95 -6.92 -4.17
N LYS C 151 26.75 -6.95 -2.85
CA LYS C 151 25.50 -6.50 -2.24
C LYS C 151 25.57 -5.14 -1.55
N ASP C 152 24.54 -4.34 -1.77
CA ASP C 152 24.24 -3.13 -1.01
C ASP C 152 25.32 -2.05 -1.08
N TYR C 153 25.53 -1.48 -2.26
CA TYR C 153 26.46 -0.37 -2.38
C TYR C 153 25.79 0.84 -3.02
N PHE C 154 26.42 1.99 -2.82
CA PHE C 154 25.98 3.23 -3.43
C PHE C 154 27.14 4.22 -3.36
N PRO C 155 27.38 4.96 -4.46
CA PRO C 155 26.67 4.82 -5.73
C PRO C 155 27.38 3.88 -6.69
N GLU C 156 26.82 3.76 -7.88
CA GLU C 156 27.52 3.17 -9.01
C GLU C 156 28.77 4.01 -9.28
N PRO C 157 29.79 3.42 -9.92
CA PRO C 157 29.89 2.03 -10.38
C PRO C 157 30.75 1.18 -9.46
N VAL C 158 30.77 -0.13 -9.72
CA VAL C 158 31.79 -1.02 -9.15
C VAL C 158 32.48 -1.69 -10.32
N THR C 159 33.74 -2.04 -10.14
CA THR C 159 34.48 -2.82 -11.11
C THR C 159 34.78 -4.22 -10.55
N VAL C 160 34.40 -5.25 -11.29
CA VAL C 160 34.76 -6.60 -10.88
C VAL C 160 35.79 -7.19 -11.85
N SER C 161 36.86 -7.76 -11.30
CA SER C 161 37.75 -8.57 -12.12
C SER C 161 38.01 -9.90 -11.42
N TRP C 162 38.46 -10.86 -12.20
CA TRP C 162 38.74 -12.17 -11.64
C TRP C 162 40.23 -12.44 -11.75
N ASN C 163 40.79 -12.92 -10.64
CA ASN C 163 42.21 -13.20 -10.56
C ASN C 163 43.04 -12.02 -11.06
N SER C 164 42.69 -10.85 -10.53
CA SER C 164 43.36 -9.59 -10.82
C SER C 164 43.21 -9.18 -12.28
N GLY C 165 42.30 -9.83 -13.00
CA GLY C 165 42.05 -9.48 -14.38
C GLY C 165 42.73 -10.46 -15.33
N ALA C 166 43.42 -11.43 -14.76
CA ALA C 166 44.10 -12.42 -15.59
C ALA C 166 43.10 -13.44 -16.15
N LEU C 167 41.95 -13.59 -15.49
CA LEU C 167 40.89 -14.48 -15.98
C LEU C 167 39.79 -13.69 -16.68
N THR C 168 39.63 -13.93 -17.99
CA THR C 168 38.65 -13.19 -18.79
C THR C 168 37.65 -14.08 -19.52
N SER C 169 38.08 -15.28 -19.92
CA SER C 169 37.22 -16.15 -20.70
C SER C 169 36.05 -16.67 -19.85
N GLY C 170 34.83 -16.47 -20.34
CA GLY C 170 33.67 -16.98 -19.64
C GLY C 170 33.19 -16.08 -18.51
N VAL C 171 33.74 -14.88 -18.42
CA VAL C 171 33.34 -13.94 -17.37
C VAL C 171 32.15 -13.10 -17.85
N HIS C 172 31.09 -13.05 -17.03
CA HIS C 172 29.94 -12.21 -17.33
C HIS C 172 29.50 -11.50 -16.05
N THR C 173 29.71 -10.18 -16.04
CA THR C 173 29.28 -9.36 -14.93
C THR C 173 27.97 -8.69 -15.33
N PHE C 174 26.94 -8.87 -14.51
CA PHE C 174 25.60 -8.38 -14.84
C PHE C 174 25.37 -6.95 -14.37
N PRO C 175 24.56 -6.19 -15.11
CA PRO C 175 24.12 -4.85 -14.66
C PRO C 175 23.44 -4.89 -13.31
N ALA C 176 23.63 -3.85 -12.50
CA ALA C 176 23.10 -3.85 -11.13
C ALA C 176 21.59 -3.63 -11.08
N VAL C 177 20.99 -4.17 -10.02
CA VAL C 177 19.60 -3.92 -9.70
C VAL C 177 19.56 -2.82 -8.61
N LEU C 178 18.63 -1.89 -8.74
CA LEU C 178 18.37 -0.93 -7.66
C LEU C 178 17.32 -1.54 -6.75
N GLN C 179 17.67 -1.87 -5.52
CA GLN C 179 16.67 -2.50 -4.66
C GLN C 179 15.91 -1.48 -3.81
N SER C 180 14.91 -2.00 -3.09
CA SER C 180 13.97 -1.18 -2.35
C SER C 180 14.62 -0.32 -1.28
N SER C 181 15.81 -0.73 -0.84
CA SER C 181 16.58 0.02 0.15
C SER C 181 17.22 1.28 -0.41
N GLY C 182 17.24 1.41 -1.75
CA GLY C 182 17.92 2.55 -2.35
C GLY C 182 19.39 2.25 -2.55
N LEU C 183 19.76 0.97 -2.40
CA LEU C 183 21.15 0.53 -2.65
C LEU C 183 21.23 -0.41 -3.86
N TYR C 184 22.41 -0.52 -4.48
CA TYR C 184 22.56 -1.41 -5.64
C TYR C 184 23.10 -2.79 -5.28
N SER C 185 22.81 -3.76 -6.14
CA SER C 185 23.47 -5.08 -6.08
C SER C 185 23.74 -5.57 -7.48
N LEU C 186 24.90 -6.18 -7.68
CA LEU C 186 25.12 -6.90 -8.93
C LEU C 186 25.77 -8.23 -8.66
N SER C 187 25.89 -9.03 -9.71
CA SER C 187 26.56 -10.31 -9.63
C SER C 187 27.52 -10.45 -10.80
N SER C 188 28.64 -11.12 -10.54
CA SER C 188 29.58 -11.48 -11.60
C SER C 188 29.70 -12.98 -11.56
N VAL C 189 29.60 -13.60 -12.73
CA VAL C 189 29.60 -15.04 -12.84
C VAL C 189 30.63 -15.45 -13.87
N VAL C 190 31.31 -16.57 -13.63
CA VAL C 190 32.22 -17.09 -14.65
C VAL C 190 31.94 -18.57 -14.83
N THR C 191 31.86 -18.99 -16.09
CA THR C 191 31.67 -20.39 -16.43
C THR C 191 33.04 -21.01 -16.66
N VAL C 192 33.35 -22.08 -15.93
CA VAL C 192 34.67 -22.68 -15.96
C VAL C 192 34.52 -24.18 -16.24
N PRO C 193 35.60 -24.84 -16.65
CA PRO C 193 35.61 -26.31 -16.78
C PRO C 193 35.40 -26.98 -15.42
N SER C 194 34.55 -28.00 -15.33
CA SER C 194 34.34 -28.69 -14.06
C SER C 194 35.59 -29.40 -13.56
N SER C 195 36.48 -29.78 -14.48
CA SER C 195 37.71 -30.46 -14.08
C SER C 195 38.65 -29.54 -13.30
N SER C 196 38.56 -28.23 -13.56
CA SER C 196 39.40 -27.22 -12.91
C SER C 196 38.97 -26.93 -11.48
N LEU C 197 37.75 -27.28 -11.12
CA LEU C 197 37.28 -27.06 -9.76
C LEU C 197 38.17 -27.81 -8.77
N GLY C 198 38.71 -27.11 -7.78
CA GLY C 198 39.60 -27.74 -6.83
C GLY C 198 41.10 -27.67 -7.16
N THR C 199 41.43 -27.61 -8.44
CA THR C 199 42.81 -27.43 -8.87
C THR C 199 43.10 -26.04 -9.45
N GLN C 200 42.13 -25.16 -9.38
CA GLN C 200 42.27 -23.80 -9.91
C GLN C 200 41.62 -22.82 -8.95
N THR C 201 42.32 -21.74 -8.64
CA THR C 201 41.83 -20.77 -7.67
C THR C 201 41.03 -19.70 -8.38
N TYR C 202 39.90 -19.32 -7.81
CA TYR C 202 39.07 -18.27 -8.37
C TYR C 202 38.84 -17.22 -7.33
N ILE C 203 39.30 -16.00 -7.62
CA ILE C 203 39.18 -14.88 -6.67
C ILE C 203 38.54 -13.71 -7.42
N CYS C 204 37.46 -13.18 -6.88
CA CYS C 204 36.88 -11.99 -7.50
C CYS C 204 37.40 -10.73 -6.81
N ASN C 205 37.78 -9.74 -7.62
CA ASN C 205 38.27 -8.47 -7.09
C ASN C 205 37.19 -7.41 -7.31
N VAL C 206 36.72 -6.82 -6.22
CA VAL C 206 35.66 -5.85 -6.30
C VAL C 206 36.21 -4.49 -5.92
N ASN C 207 36.09 -3.54 -6.83
CA ASN C 207 36.57 -2.20 -6.61
C ASN C 207 35.38 -1.22 -6.61
N HIS C 208 35.13 -0.58 -5.47
CA HIS C 208 34.11 0.45 -5.33
C HIS C 208 34.76 1.77 -4.90
N LYS C 209 35.27 2.52 -5.88
CA LYS C 209 36.03 3.73 -5.61
C LYS C 209 35.33 4.83 -4.78
N PRO C 210 34.03 5.09 -5.03
CA PRO C 210 33.36 6.14 -4.24
C PRO C 210 33.44 5.94 -2.72
N SER C 211 33.39 4.70 -2.26
CA SER C 211 33.49 4.47 -0.82
C SER C 211 34.90 4.09 -0.45
N ASN C 212 35.81 4.17 -1.40
CA ASN C 212 37.21 3.84 -1.15
C ASN C 212 37.40 2.39 -0.71
N THR C 213 36.52 1.50 -1.18
CA THR C 213 36.60 0.11 -0.75
C THR C 213 37.02 -0.83 -1.88
N LYS C 214 37.81 -1.83 -1.50
CA LYS C 214 38.30 -2.87 -2.39
C LYS C 214 38.24 -4.18 -1.61
N VAL C 215 37.58 -5.19 -2.19
CA VAL C 215 37.34 -6.47 -1.51
C VAL C 215 37.74 -7.64 -2.41
N ASP C 216 38.46 -8.61 -1.85
CA ASP C 216 38.82 -9.83 -2.58
C ASP C 216 38.20 -11.06 -1.92
N LYS C 217 37.46 -11.85 -2.69
CA LYS C 217 36.84 -13.04 -2.12
C LYS C 217 37.22 -14.26 -2.95
N ARG C 218 37.63 -15.32 -2.25
CA ARG C 218 37.97 -16.57 -2.93
C ARG C 218 36.69 -17.43 -3.03
N VAL C 219 36.41 -17.92 -4.23
CA VAL C 219 35.23 -18.74 -4.42
C VAL C 219 35.63 -20.21 -4.59
N GLU C 220 35.16 -21.05 -3.68
CA GLU C 220 35.51 -22.46 -3.71
C GLU C 220 34.25 -23.30 -3.59
N PRO C 221 34.27 -24.51 -4.18
CA PRO C 221 33.13 -25.40 -3.96
C PRO C 221 33.10 -25.79 -2.49
N LYS C 222 31.91 -25.81 -1.87
CA LYS C 222 31.79 -26.17 -0.46
C LYS C 222 31.43 -27.65 -0.29
N SER D 1 -12.99 -4.99 -13.53
CA SER D 1 -11.83 -4.29 -14.08
C SER D 1 -11.09 -3.53 -12.98
N TYR D 2 -10.09 -4.17 -12.38
CA TYR D 2 -9.32 -3.56 -11.29
C TYR D 2 -7.80 -3.65 -11.50
N GLU D 3 -7.38 -4.29 -12.59
CA GLU D 3 -5.96 -4.39 -12.92
C GLU D 3 -5.68 -4.39 -14.42
N LEU D 4 -6.56 -5.04 -15.18
CA LEU D 4 -6.47 -5.20 -16.64
C LEU D 4 -5.19 -5.96 -17.05
N THR D 5 -5.40 -7.18 -17.55
CA THR D 5 -4.32 -8.10 -17.88
C THR D 5 -3.93 -8.07 -19.36
N GLN D 6 -2.64 -7.85 -19.62
CA GLN D 6 -2.08 -7.89 -20.98
C GLN D 6 -0.97 -8.94 -21.03
N PRO D 7 -0.69 -9.49 -22.22
CA PRO D 7 0.52 -10.32 -22.33
C PRO D 7 1.77 -9.47 -22.15
N PRO D 8 2.76 -9.97 -21.38
CA PRO D 8 3.98 -9.20 -21.15
C PRO D 8 4.69 -8.84 -22.45
N SER D 9 4.65 -9.73 -23.45
CA SER D 9 5.33 -9.44 -24.70
C SER D 9 4.69 -10.11 -25.92
N VAL D 10 4.77 -9.42 -27.05
CA VAL D 10 4.33 -9.92 -28.33
C VAL D 10 5.44 -9.61 -29.31
N SER D 11 6.04 -10.65 -29.88
CA SER D 11 7.12 -10.41 -30.81
C SER D 11 6.71 -10.87 -32.20
N VAL D 12 6.98 -10.04 -33.20
CA VAL D 12 6.61 -10.35 -34.57
C VAL D 12 7.78 -10.09 -35.50
N SER D 13 7.87 -10.84 -36.59
CA SER D 13 8.78 -10.48 -37.67
C SER D 13 8.20 -9.31 -38.44
N PRO D 14 9.06 -8.52 -39.08
CA PRO D 14 8.56 -7.42 -39.92
C PRO D 14 7.50 -7.89 -40.89
N GLY D 15 6.33 -7.26 -40.88
CA GLY D 15 5.26 -7.66 -41.79
C GLY D 15 4.20 -8.52 -41.13
N GLN D 16 4.52 -9.13 -40.00
CA GLN D 16 3.50 -9.92 -39.31
C GLN D 16 2.54 -9.01 -38.53
N THR D 17 1.37 -9.53 -38.20
CA THR D 17 0.37 -8.81 -37.45
C THR D 17 0.59 -9.02 -35.95
N ALA D 18 0.60 -7.92 -35.20
CA ALA D 18 0.66 -8.03 -33.74
C ALA D 18 -0.74 -7.77 -33.21
N SER D 19 -1.23 -8.68 -32.37
CA SER D 19 -2.50 -8.44 -31.70
C SER D 19 -2.26 -8.46 -30.21
N ILE D 20 -2.53 -7.33 -29.55
CA ILE D 20 -2.36 -7.19 -28.11
C ILE D 20 -3.71 -7.15 -27.44
N THR D 21 -3.93 -8.08 -26.52
CA THR D 21 -5.21 -8.13 -25.82
C THR D 21 -5.10 -7.48 -24.45
N CYS D 22 -6.23 -6.98 -23.99
CA CYS D 22 -6.40 -6.36 -22.69
C CYS D 22 -7.68 -6.94 -22.10
N SER D 23 -7.55 -7.68 -21.01
CA SER D 23 -8.73 -8.36 -20.51
C SER D 23 -9.10 -7.87 -19.13
N GLY D 24 -10.40 -7.70 -18.91
CA GLY D 24 -10.91 -7.24 -17.63
C GLY D 24 -12.36 -7.66 -17.54
N ASP D 25 -12.92 -7.62 -16.33
CA ASP D 25 -14.30 -8.03 -16.14
C ASP D 25 -15.24 -7.01 -16.77
N LYS D 26 -15.98 -7.45 -17.79
CA LYS D 26 -16.95 -6.60 -18.49
C LYS D 26 -16.26 -5.38 -19.09
N LEU D 27 -15.07 -5.57 -19.67
CA LEU D 27 -14.31 -4.45 -20.24
C LEU D 27 -15.07 -3.86 -21.43
N GLY D 28 -15.79 -4.71 -22.14
CA GLY D 28 -16.58 -4.33 -23.30
C GLY D 28 -17.67 -3.32 -23.01
N ASP D 29 -18.02 -3.19 -21.73
CA ASP D 29 -18.98 -2.17 -21.31
C ASP D 29 -18.31 -0.82 -21.09
N LYS D 30 -16.99 -0.79 -21.22
CA LYS D 30 -16.25 0.46 -21.04
C LYS D 30 -15.58 0.89 -22.33
N ASN D 31 -14.98 2.08 -22.33
CA ASN D 31 -14.16 2.49 -23.47
C ASN D 31 -12.71 2.13 -23.18
N ALA D 32 -12.05 1.47 -24.13
CA ALA D 32 -10.64 1.13 -23.97
C ALA D 32 -9.82 2.11 -24.79
N CYS D 33 -8.68 2.53 -24.24
CA CYS D 33 -7.73 3.39 -24.95
C CYS D 33 -6.34 2.76 -24.92
N TRP D 34 -5.54 3.01 -25.97
CA TRP D 34 -4.24 2.40 -26.08
C TRP D 34 -3.12 3.43 -26.22
N TYR D 35 -2.10 3.32 -25.38
CA TYR D 35 -0.96 4.24 -25.42
C TYR D 35 0.30 3.56 -25.92
N GLN D 36 0.98 4.20 -26.87
CA GLN D 36 2.25 3.73 -27.37
C GLN D 36 3.38 4.45 -26.61
N VAL D 37 4.19 3.68 -25.89
CA VAL D 37 5.27 4.27 -25.11
C VAL D 37 6.65 3.86 -25.63
N LYS D 38 7.38 4.84 -26.15
CA LYS D 38 8.78 4.68 -26.57
C LYS D 38 9.69 5.47 -25.63
N PRO D 39 10.84 4.89 -25.26
CA PRO D 39 11.86 5.58 -24.46
C PRO D 39 12.33 6.88 -25.10
N GLY D 40 12.42 7.96 -24.32
CA GLY D 40 12.94 9.22 -24.81
C GLY D 40 11.94 10.02 -25.64
N GLN D 41 10.68 9.59 -25.65
CA GLN D 41 9.67 10.27 -26.48
C GLN D 41 8.34 10.42 -25.77
N SER D 42 7.55 11.39 -26.20
CA SER D 42 6.15 11.52 -25.76
C SER D 42 5.34 10.27 -26.10
N PRO D 43 4.70 9.68 -25.09
CA PRO D 43 3.71 8.64 -25.37
C PRO D 43 2.63 9.18 -26.29
N VAL D 44 2.03 8.34 -27.14
CA VAL D 44 0.93 8.79 -27.97
C VAL D 44 -0.27 7.86 -27.88
N VAL D 45 -1.46 8.42 -28.05
CA VAL D 45 -2.67 7.63 -28.23
C VAL D 45 -2.68 7.07 -29.63
N VAL D 46 -2.69 5.75 -29.75
CA VAL D 46 -2.84 5.19 -31.09
C VAL D 46 -4.30 4.82 -31.34
N ILE D 47 -5.05 4.55 -30.27
CA ILE D 47 -6.47 4.24 -30.36
C ILE D 47 -7.20 4.70 -29.10
N TYR D 48 -8.31 5.41 -29.27
CA TYR D 48 -9.14 5.79 -28.12
C TYR D 48 -10.61 5.41 -28.35
N GLN D 49 -11.36 5.28 -27.26
CA GLN D 49 -12.76 4.86 -27.31
C GLN D 49 -12.96 3.63 -28.20
N ASP D 50 -12.27 2.55 -27.84
CA ASP D 50 -12.32 1.24 -28.51
C ASP D 50 -11.66 1.20 -29.87
N SER D 51 -12.01 2.14 -30.75
CA SER D 51 -11.67 1.93 -32.15
C SER D 51 -11.37 3.19 -32.94
N LYS D 52 -11.37 4.35 -32.27
CA LYS D 52 -11.10 5.59 -32.96
C LYS D 52 -9.60 5.85 -33.10
N ARG D 53 -9.19 6.18 -34.31
CA ARG D 53 -7.78 6.38 -34.64
C ARG D 53 -7.52 7.89 -34.80
N PRO D 54 -6.65 8.45 -33.94
CA PRO D 54 -6.37 9.89 -34.05
C PRO D 54 -5.73 10.23 -35.38
N SER D 55 -5.93 11.46 -35.85
CA SER D 55 -5.24 11.94 -37.04
C SER D 55 -3.75 11.96 -36.75
N GLY D 56 -2.96 11.35 -37.62
CA GLY D 56 -1.52 11.24 -37.41
C GLY D 56 -1.03 9.82 -37.16
N ILE D 57 -1.94 8.96 -36.72
CA ILE D 57 -1.61 7.57 -36.42
C ILE D 57 -1.86 6.71 -37.65
N PRO D 58 -0.85 5.90 -38.03
CA PRO D 58 -0.95 5.03 -39.21
C PRO D 58 -2.19 4.13 -39.19
N GLU D 59 -2.69 3.82 -40.38
CA GLU D 59 -3.89 3.01 -40.52
C GLU D 59 -3.64 1.56 -40.09
N ARG D 60 -2.37 1.20 -39.87
CA ARG D 60 -2.01 -0.16 -39.45
C ARG D 60 -2.61 -0.50 -38.10
N PHE D 61 -2.89 0.54 -37.32
CA PHE D 61 -3.45 0.41 -35.97
C PHE D 61 -4.98 0.39 -36.01
N SER D 62 -5.58 -0.69 -35.52
CA SER D 62 -7.03 -0.73 -35.32
C SER D 62 -7.32 -1.28 -33.94
N GLY D 63 -8.51 -0.98 -33.44
CA GLY D 63 -8.90 -1.35 -32.10
C GLY D 63 -10.28 -1.99 -32.08
N SER D 64 -10.47 -2.88 -31.13
CA SER D 64 -11.74 -3.59 -30.98
C SER D 64 -11.99 -3.80 -29.49
N ASN D 65 -13.26 -3.85 -29.09
CA ASN D 65 -13.56 -4.13 -27.68
C ASN D 65 -14.96 -4.73 -27.50
N SER D 66 -15.02 -5.93 -26.93
CA SER D 66 -16.29 -6.59 -26.60
C SER D 66 -16.08 -7.72 -25.58
N GLY D 67 -17.14 -8.09 -24.87
CA GLY D 67 -17.03 -9.12 -23.87
C GLY D 67 -16.09 -8.71 -22.74
N ASN D 68 -14.99 -9.44 -22.58
CA ASN D 68 -14.04 -9.10 -21.53
C ASN D 68 -12.68 -8.68 -22.08
N THR D 69 -12.61 -8.44 -23.38
CA THR D 69 -11.34 -8.24 -24.04
C THR D 69 -11.34 -7.08 -25.03
N ALA D 70 -10.39 -6.17 -24.83
CA ALA D 70 -10.08 -5.17 -25.84
C ALA D 70 -8.84 -5.64 -26.56
N THR D 71 -8.83 -5.50 -27.88
CA THR D 71 -7.74 -6.00 -28.71
C THR D 71 -7.21 -4.86 -29.59
N LEU D 72 -5.90 -4.62 -29.52
CA LEU D 72 -5.21 -3.70 -30.42
C LEU D 72 -4.55 -4.50 -31.52
N THR D 73 -4.87 -4.18 -32.77
CA THR D 73 -4.25 -4.90 -33.87
C THR D 73 -3.36 -3.98 -34.68
N ILE D 74 -2.13 -4.43 -34.91
CA ILE D 74 -1.19 -3.70 -35.74
C ILE D 74 -1.00 -4.53 -37.00
N SER D 75 -1.62 -4.10 -38.10
CA SER D 75 -1.53 -4.81 -39.36
C SER D 75 -0.18 -4.53 -40.02
N GLY D 76 0.51 -5.59 -40.44
CA GLY D 76 1.81 -5.44 -41.06
C GLY D 76 2.74 -4.63 -40.18
N THR D 77 3.06 -5.16 -39.01
CA THR D 77 3.85 -4.39 -38.05
C THR D 77 5.20 -3.97 -38.63
N GLN D 78 5.50 -2.70 -38.51
CA GLN D 78 6.78 -2.15 -38.97
C GLN D 78 7.72 -1.90 -37.78
N ALA D 79 9.01 -1.80 -38.05
CA ALA D 79 10.02 -1.64 -36.98
C ALA D 79 9.75 -0.43 -36.07
N MET D 80 9.28 0.68 -36.65
CA MET D 80 8.99 1.86 -35.84
C MET D 80 7.77 1.68 -34.93
N ASP D 81 7.08 0.54 -35.04
CA ASP D 81 5.94 0.26 -34.17
C ASP D 81 6.38 -0.46 -32.90
N GLU D 82 7.67 -0.81 -32.86
CA GLU D 82 8.26 -1.43 -31.68
C GLU D 82 8.19 -0.47 -30.49
N ALA D 83 7.53 -0.89 -29.43
CA ALA D 83 7.23 -0.03 -28.30
C ALA D 83 6.52 -0.83 -27.22
N ASP D 84 6.25 -0.19 -26.09
CA ASP D 84 5.41 -0.77 -25.05
C ASP D 84 4.01 -0.21 -25.19
N TYR D 85 3.01 -1.10 -25.23
CA TYR D 85 1.63 -0.64 -25.38
C TYR D 85 0.81 -0.89 -24.11
N TYR D 86 0.07 0.13 -23.67
CA TYR D 86 -0.74 0.01 -22.47
C TYR D 86 -2.21 0.26 -22.75
N CYS D 87 -3.02 -0.64 -22.18
CA CYS D 87 -4.47 -0.57 -22.19
C CYS D 87 -4.92 0.44 -21.14
N GLN D 88 -6.06 1.08 -21.34
CA GLN D 88 -6.58 2.01 -20.32
C GLN D 88 -8.10 2.13 -20.37
N ALA D 89 -8.72 2.09 -19.19
CA ALA D 89 -10.17 2.28 -19.11
C ALA D 89 -10.51 3.05 -17.85
N TRP D 90 -11.80 3.33 -17.69
CA TRP D 90 -12.32 4.01 -16.52
C TRP D 90 -12.55 2.99 -15.39
N ASP D 91 -12.38 3.44 -14.13
CA ASP D 91 -12.70 2.60 -12.98
C ASP D 91 -13.51 3.37 -11.93
N SER D 92 -14.47 2.71 -11.31
CA SER D 92 -15.33 3.34 -10.31
C SER D 92 -14.58 3.79 -9.06
N PHE D 93 -13.56 3.03 -8.68
CA PHE D 93 -12.77 3.34 -7.49
C PHE D 93 -11.56 4.22 -7.76
N SER D 94 -10.68 3.76 -8.65
CA SER D 94 -9.41 4.46 -8.87
C SER D 94 -9.44 5.41 -10.08
N THR D 95 -10.66 5.75 -10.50
CA THR D 95 -10.90 6.68 -11.62
C THR D 95 -10.35 6.14 -12.94
N PHE D 96 -9.04 5.92 -13.00
CA PHE D 96 -8.40 5.33 -14.17
C PHE D 96 -7.72 4.02 -13.80
N VAL D 97 -7.79 3.04 -14.71
CA VAL D 97 -7.06 1.78 -14.50
C VAL D 97 -6.30 1.41 -15.79
N PHE D 98 -5.02 1.08 -15.63
CA PHE D 98 -4.17 0.77 -16.78
C PHE D 98 -3.87 -0.73 -16.89
N GLY D 99 -3.65 -1.20 -18.12
CA GLY D 99 -3.20 -2.56 -18.33
C GLY D 99 -1.78 -2.77 -17.85
N THR D 100 -1.38 -4.04 -17.72
CA THR D 100 -0.06 -4.36 -17.21
C THR D 100 1.05 -4.06 -18.22
N GLY D 101 0.68 -3.81 -19.47
CA GLY D 101 1.66 -3.44 -20.47
C GLY D 101 2.16 -4.61 -21.30
N THR D 102 2.41 -4.34 -22.58
CA THR D 102 2.93 -5.35 -23.49
C THR D 102 4.12 -4.81 -24.26
N LYS D 103 5.28 -5.46 -24.15
CA LYS D 103 6.43 -5.11 -24.98
C LYS D 103 6.26 -5.74 -26.36
N VAL D 104 6.11 -4.90 -27.39
CA VAL D 104 6.04 -5.39 -28.75
C VAL D 104 7.43 -5.25 -29.36
N THR D 105 8.04 -6.38 -29.70
CA THR D 105 9.35 -6.38 -30.35
C THR D 105 9.14 -6.75 -31.82
N VAL D 106 9.73 -5.97 -32.71
CA VAL D 106 9.81 -6.38 -34.10
C VAL D 106 11.18 -7.02 -34.30
N LEU D 107 11.17 -8.34 -34.51
CA LEU D 107 12.40 -9.15 -34.51
C LEU D 107 13.44 -8.59 -35.48
N GLY D 108 14.65 -8.35 -34.98
CA GLY D 108 15.73 -7.83 -35.81
C GLY D 108 16.84 -8.87 -35.93
N GLN D 109 16.61 -10.01 -35.29
CA GLN D 109 17.53 -11.14 -35.32
C GLN D 109 16.73 -12.39 -34.93
N PRO D 110 17.28 -13.59 -35.14
CA PRO D 110 16.48 -14.76 -34.73
C PRO D 110 16.35 -14.90 -33.19
N LYS D 111 15.33 -15.60 -32.73
CA LYS D 111 15.09 -15.75 -31.29
C LYS D 111 16.17 -16.58 -30.61
N ALA D 112 16.40 -16.30 -29.32
CA ALA D 112 17.37 -17.07 -28.55
C ALA D 112 16.83 -17.36 -27.16
N ALA D 113 16.95 -18.61 -26.72
CA ALA D 113 16.43 -19.02 -25.43
C ALA D 113 17.40 -18.61 -24.33
N PRO D 114 16.88 -18.25 -23.16
CA PRO D 114 17.79 -17.80 -22.08
C PRO D 114 18.62 -18.91 -21.44
N SER D 115 19.84 -18.56 -21.04
CA SER D 115 20.62 -19.42 -20.17
C SER D 115 20.33 -18.97 -18.74
N VAL D 116 19.92 -19.90 -17.88
CA VAL D 116 19.54 -19.57 -16.52
C VAL D 116 20.42 -20.29 -15.50
N THR D 117 20.90 -19.53 -14.52
CA THR D 117 21.68 -20.10 -13.42
C THR D 117 21.17 -19.55 -12.09
N LEU D 118 20.88 -20.45 -11.15
CA LEU D 118 20.36 -20.05 -9.85
C LEU D 118 21.33 -20.42 -8.73
N PHE D 119 21.66 -19.44 -7.91
CA PHE D 119 22.57 -19.66 -6.78
C PHE D 119 21.80 -19.54 -5.45
N PRO D 120 22.09 -20.47 -4.52
CA PRO D 120 21.60 -20.42 -3.14
C PRO D 120 22.32 -19.37 -2.31
N PRO D 121 21.86 -19.12 -1.07
CA PRO D 121 22.62 -18.20 -0.23
C PRO D 121 23.98 -18.77 0.14
N SER D 122 24.99 -17.93 0.29
CA SER D 122 26.28 -18.38 0.78
C SER D 122 26.25 -18.58 2.31
N SER D 123 27.14 -19.42 2.80
CA SER D 123 27.30 -19.64 4.24
C SER D 123 27.65 -18.34 4.94
N GLU D 124 28.56 -17.58 4.33
CA GLU D 124 28.98 -16.29 4.88
C GLU D 124 27.79 -15.33 5.06
N GLU D 125 26.92 -15.24 4.06
CA GLU D 125 25.77 -14.35 4.16
C GLU D 125 24.82 -14.83 5.26
N LEU D 126 24.61 -16.14 5.33
CA LEU D 126 23.72 -16.70 6.35
C LEU D 126 24.29 -16.43 7.74
N GLN D 127 25.61 -16.49 7.89
CA GLN D 127 26.25 -16.18 9.16
C GLN D 127 26.08 -14.71 9.51
N ALA D 128 25.81 -13.89 8.50
CA ALA D 128 25.55 -12.48 8.74
C ALA D 128 24.05 -12.23 8.90
N ASN D 129 23.33 -13.31 9.25
CA ASN D 129 21.89 -13.26 9.38
C ASN D 129 21.15 -12.74 8.16
N LYS D 130 21.64 -13.05 6.97
CA LYS D 130 20.95 -12.62 5.76
C LYS D 130 20.96 -13.75 4.72
N ALA D 131 20.10 -13.63 3.72
CA ALA D 131 20.00 -14.64 2.68
C ALA D 131 19.44 -14.05 1.37
N THR D 132 20.15 -14.31 0.29
CA THR D 132 19.78 -13.84 -1.05
C THR D 132 19.89 -14.99 -2.04
N LEU D 133 18.84 -15.22 -2.81
CA LEU D 133 18.88 -16.16 -3.93
C LEU D 133 19.15 -15.36 -5.20
N VAL D 134 20.02 -15.88 -6.06
CA VAL D 134 20.43 -15.14 -7.25
C VAL D 134 20.16 -15.92 -8.52
N CYS D 135 19.32 -15.34 -9.38
CA CYS D 135 18.91 -15.97 -10.63
C CYS D 135 19.43 -15.16 -11.79
N LEU D 136 20.37 -15.72 -12.53
CA LEU D 136 21.03 -14.99 -13.60
C LEU D 136 20.56 -15.50 -14.96
N ILE D 137 20.14 -14.57 -15.82
CA ILE D 137 19.46 -14.90 -17.06
C ILE D 137 20.20 -14.23 -18.23
N SER D 138 20.71 -15.02 -19.19
CA SER D 138 21.52 -14.43 -20.25
C SER D 138 21.28 -15.02 -21.64
N ASP D 139 21.76 -14.29 -22.64
CA ASP D 139 21.73 -14.68 -24.05
C ASP D 139 20.36 -14.91 -24.62
N PHE D 140 19.39 -14.08 -24.24
CA PHE D 140 18.05 -14.27 -24.78
C PHE D 140 17.65 -13.14 -25.74
N TYR D 141 16.79 -13.50 -26.69
CA TYR D 141 16.22 -12.55 -27.63
C TYR D 141 14.84 -13.06 -28.06
N PRO D 142 13.83 -12.19 -28.04
CA PRO D 142 13.80 -10.76 -27.72
C PRO D 142 14.07 -10.47 -26.24
N GLY D 143 14.32 -9.20 -25.93
CA GLY D 143 14.64 -8.77 -24.58
C GLY D 143 13.44 -8.63 -23.67
N ALA D 144 12.72 -9.72 -23.46
CA ALA D 144 11.54 -9.73 -22.62
C ALA D 144 11.40 -11.09 -21.93
N VAL D 145 11.36 -11.08 -20.60
CA VAL D 145 11.20 -12.32 -19.83
C VAL D 145 10.34 -12.06 -18.61
N THR D 146 9.72 -13.11 -18.10
CA THR D 146 8.97 -13.05 -16.86
C THR D 146 9.67 -13.97 -15.85
N VAL D 147 9.85 -13.50 -14.63
CA VAL D 147 10.52 -14.29 -13.59
C VAL D 147 9.59 -14.52 -12.41
N ALA D 148 9.33 -15.78 -12.10
CA ALA D 148 8.47 -16.13 -10.97
C ALA D 148 9.26 -16.94 -9.97
N TRP D 149 9.12 -16.60 -8.69
CA TRP D 149 9.78 -17.34 -7.62
C TRP D 149 8.81 -18.24 -6.87
N LYS D 150 9.28 -19.41 -6.45
CA LYS D 150 8.47 -20.32 -5.64
C LYS D 150 9.20 -20.74 -4.38
N ALA D 151 8.50 -20.67 -3.24
CA ALA D 151 8.95 -21.28 -2.00
C ALA D 151 8.26 -22.63 -1.90
N ASP D 152 9.02 -23.70 -2.11
CA ASP D 152 8.47 -25.04 -2.36
C ASP D 152 7.49 -25.00 -3.52
N SER D 153 6.22 -24.74 -3.22
CA SER D 153 5.17 -24.70 -4.24
C SER D 153 4.30 -23.45 -4.08
N SER D 154 4.66 -22.60 -3.12
CA SER D 154 3.92 -21.35 -2.91
C SER D 154 4.62 -20.23 -3.68
N PRO D 155 3.88 -19.49 -4.51
CA PRO D 155 4.49 -18.38 -5.25
C PRO D 155 5.01 -17.31 -4.31
N VAL D 156 6.21 -16.79 -4.55
CA VAL D 156 6.75 -15.69 -3.76
C VAL D 156 6.77 -14.42 -4.61
N LYS D 157 6.18 -13.35 -4.10
CA LYS D 157 6.11 -12.10 -4.85
C LYS D 157 6.81 -10.99 -4.08
N ALA D 158 7.25 -11.31 -2.88
CA ALA D 158 7.86 -10.30 -2.02
C ALA D 158 9.35 -10.55 -1.87
N GLY D 159 10.12 -9.47 -1.80
CA GLY D 159 11.55 -9.55 -1.62
C GLY D 159 12.18 -9.93 -2.96
N VAL D 160 11.45 -9.68 -4.04
CA VAL D 160 11.96 -9.96 -5.38
C VAL D 160 12.39 -8.69 -6.08
N GLU D 161 13.66 -8.60 -6.44
CA GLU D 161 14.12 -7.49 -7.26
C GLU D 161 14.63 -8.06 -8.56
N THR D 162 14.08 -7.57 -9.67
CA THR D 162 14.40 -8.08 -11.00
C THR D 162 14.82 -6.92 -11.90
N THR D 163 15.95 -7.04 -12.61
CA THR D 163 16.40 -5.94 -13.48
C THR D 163 15.61 -5.93 -14.78
N THR D 164 15.59 -4.77 -15.42
CA THR D 164 15.12 -4.66 -16.78
C THR D 164 16.18 -5.26 -17.71
N PRO D 165 15.79 -6.13 -18.64
CA PRO D 165 16.79 -6.76 -19.53
C PRO D 165 17.66 -5.73 -20.26
N SER D 166 18.94 -6.04 -20.37
CA SER D 166 19.93 -5.10 -20.89
C SER D 166 20.69 -5.71 -22.06
N LYS D 167 21.01 -4.93 -23.08
CA LYS D 167 21.63 -5.48 -24.28
C LYS D 167 23.07 -5.87 -24.01
N GLN D 168 23.42 -7.12 -24.31
CA GLN D 168 24.80 -7.60 -24.21
C GLN D 168 25.53 -7.14 -25.47
N SER D 169 26.85 -7.28 -25.48
CA SER D 169 27.66 -6.84 -26.63
C SER D 169 27.36 -7.64 -27.90
N ASN D 170 26.81 -8.84 -27.75
CA ASN D 170 26.47 -9.68 -28.90
C ASN D 170 25.04 -9.44 -29.41
N ASN D 171 24.45 -8.31 -28.99
CA ASN D 171 23.09 -7.92 -29.36
C ASN D 171 22.00 -8.81 -28.77
N LYS D 172 22.36 -9.74 -27.88
CA LYS D 172 21.34 -10.45 -27.09
C LYS D 172 21.21 -9.79 -25.71
N TYR D 173 20.34 -10.31 -24.86
CA TYR D 173 19.99 -9.63 -23.61
C TYR D 173 20.33 -10.42 -22.36
N ALA D 174 20.46 -9.68 -21.25
CA ALA D 174 20.72 -10.29 -19.95
C ALA D 174 19.84 -9.65 -18.90
N ALA D 175 19.49 -10.44 -17.90
CA ALA D 175 18.75 -9.91 -16.78
C ALA D 175 19.12 -10.72 -15.57
N SER D 176 18.74 -10.23 -14.39
CA SER D 176 18.97 -10.98 -13.18
C SER D 176 17.86 -10.70 -12.19
N SER D 177 17.59 -11.68 -11.34
CA SER D 177 16.54 -11.52 -10.35
C SER D 177 17.06 -11.95 -8.99
N TYR D 178 16.76 -11.16 -7.98
CA TYR D 178 17.24 -11.42 -6.64
C TYR D 178 16.07 -11.64 -5.69
N LEU D 179 16.12 -12.72 -4.92
CA LEU D 179 15.13 -12.97 -3.88
C LEU D 179 15.77 -12.85 -2.50
N SER D 180 15.31 -11.88 -1.72
CA SER D 180 15.77 -11.71 -0.34
C SER D 180 14.90 -12.46 0.66
N LEU D 181 15.56 -13.22 1.54
CA LEU D 181 14.90 -14.07 2.54
C LEU D 181 15.54 -13.87 3.92
N THR D 182 14.87 -14.30 4.97
CA THR D 182 15.57 -14.47 6.25
C THR D 182 16.14 -15.87 6.21
N PRO D 183 17.23 -16.11 6.95
CA PRO D 183 17.82 -17.44 7.02
C PRO D 183 16.80 -18.49 7.48
N GLU D 184 15.88 -18.10 8.36
CA GLU D 184 14.88 -19.02 8.88
C GLU D 184 13.96 -19.49 7.75
N GLN D 185 13.50 -18.53 6.94
CA GLN D 185 12.71 -18.80 5.74
C GLN D 185 13.41 -19.76 4.80
N TRP D 186 14.71 -19.52 4.59
CA TRP D 186 15.51 -20.35 3.68
C TRP D 186 15.57 -21.80 4.16
N LYS D 187 15.75 -21.98 5.47
CA LYS D 187 15.90 -23.31 6.05
C LYS D 187 14.54 -23.95 6.39
N SER D 188 13.46 -23.16 6.27
CA SER D 188 12.12 -23.66 6.57
C SER D 188 11.55 -24.48 5.42
N HIS D 189 11.94 -24.17 4.19
CA HIS D 189 11.38 -24.90 3.05
C HIS D 189 12.36 -25.93 2.50
N ARG D 190 11.81 -26.87 1.74
CA ARG D 190 12.54 -27.96 1.09
C ARG D 190 13.35 -27.47 -0.12
N SER D 191 12.81 -26.49 -0.84
CA SER D 191 13.48 -25.92 -2.00
C SER D 191 12.92 -24.56 -2.38
N TYR D 192 13.70 -23.80 -3.13
CA TYR D 192 13.22 -22.59 -3.80
C TYR D 192 13.50 -22.76 -5.28
N SER D 193 12.68 -22.11 -6.11
CA SER D 193 12.78 -22.23 -7.54
C SER D 193 12.68 -20.90 -8.23
N CYS D 194 13.47 -20.75 -9.28
CA CYS D 194 13.42 -19.58 -10.16
C CYS D 194 12.80 -20.02 -11.48
N GLN D 195 11.63 -19.49 -11.82
CA GLN D 195 10.96 -19.87 -13.06
C GLN D 195 11.06 -18.73 -14.08
N VAL D 196 11.69 -19.00 -15.22
CA VAL D 196 11.93 -17.94 -16.20
C VAL D 196 11.13 -18.22 -17.48
N THR D 197 10.22 -17.31 -17.80
CA THR D 197 9.37 -17.48 -18.98
C THR D 197 9.80 -16.55 -20.10
N HIS D 198 10.12 -17.13 -21.25
CA HIS D 198 10.56 -16.36 -22.41
C HIS D 198 9.77 -16.79 -23.62
N GLU D 199 9.09 -15.83 -24.24
CA GLU D 199 8.16 -16.13 -25.33
C GLU D 199 7.12 -17.13 -24.81
N GLY D 200 7.24 -18.39 -25.22
CA GLY D 200 6.30 -19.36 -24.71
C GLY D 200 6.87 -20.33 -23.67
N SER D 201 8.17 -20.55 -23.71
CA SER D 201 8.79 -21.58 -22.89
C SER D 201 9.16 -21.08 -21.50
N THR D 202 9.08 -21.99 -20.52
CA THR D 202 9.45 -21.68 -19.15
C THR D 202 10.58 -22.59 -18.72
N VAL D 203 11.68 -21.97 -18.29
CA VAL D 203 12.81 -22.69 -17.72
C VAL D 203 12.76 -22.59 -16.21
N GLU D 204 13.01 -23.71 -15.53
CA GLU D 204 12.96 -23.72 -14.09
C GLU D 204 14.27 -24.21 -13.50
N LYS D 205 14.77 -23.46 -12.53
CA LYS D 205 15.97 -23.81 -11.79
C LYS D 205 15.60 -23.88 -10.32
N THR D 206 16.21 -24.83 -9.61
CA THR D 206 15.82 -25.08 -8.23
C THR D 206 17.06 -25.24 -7.34
N VAL D 207 16.99 -24.67 -6.13
CA VAL D 207 18.04 -24.86 -5.13
C VAL D 207 17.41 -25.25 -3.79
N ALA D 208 18.20 -25.93 -2.95
CA ALA D 208 17.73 -26.41 -1.66
C ALA D 208 18.82 -26.16 -0.60
N PRO D 209 18.40 -26.01 0.67
CA PRO D 209 19.38 -25.86 1.77
C PRO D 209 20.41 -26.99 1.85
#